data_8I54
#
_entry.id   8I54
#
_cell.length_a   1.00
_cell.length_b   1.00
_cell.length_c   1.00
_cell.angle_alpha   90.00
_cell.angle_beta   90.00
_cell.angle_gamma   90.00
#
_symmetry.space_group_name_H-M   'P 1'
#
loop_
_entity.id
_entity.type
_entity.pdbx_description
1 polymer Lb2Cas12a
2 polymer 'RNA (33-MER)'
3 polymer 'DNA (25-MER)'
4 polymer "DNA (5'-D(*AP*GP*TP*GP*CP*TP*TP*TP*A)-3')"
#
loop_
_entity_poly.entity_id
_entity_poly.type
_entity_poly.pdbx_seq_one_letter_code
_entity_poly.pdbx_strand_id
1 'polypeptide(L)'
;MYYESLTKQYPVSKTIRNELIPIGKTLDNIRQNNILESDVKRKQNYEHVKGILDEYHKQLINEALDNCTLPSLKIAAEIY
LKNQKEVSDREDFNKTQDLLRKEVVEKLKAHENFTKIGKKDILDLLEKLPSISEDDYNALESFRNFYTYFTSYNKVRENL
YSDKEKSSTVAYRLINENFPKFLDNVKSYRFVKTAGILADGLGEEEQDSLFIVETFNKTLTQDGIDTYNSQVGKINSSIN
LYNQKNQKANGFRKIPKMKMLYKQILSDREESFIDEFQSDEVLIDNVESYGSVLIESLKSSKVSAFFDALRESKGKNVYV
KNDLAKTAMSNIVFENWRTFDDLLNQEYDLANENKKKDDKYFEKRQKELKKNKSYSLEHLCNLSEDSCNLIENYIHQISD
DIENIIINNETFLRIVINEHDRSRKLAKNRKAVKAIKDFLDSIKVLERELKLINSSGQELEKDLIVYSAHEELLVELKQV
DSLYNMTRNYLTKKPFSTEKVKLNFNRSTLLNGWDRNKETDNLGVLLLKDGKYYLGIMNTSANKAFVNPPVAKTEKVFKK
VDYKLLPVPNQMLPKVFFAKSNIDFYNPSSEIYSNYKKGTHKKGNMFSLEDCHNLIDFFKESISKHEDWSKFGFKFSDTA
SYNDISEFYREVEKQGYKLTYTDIDETYINDLIERNELYLFQIYNKDFSMYSKGKLNLHTLYFMMLFDQRNIDDVVYKLN
GEAEVFYRPASISEDELIIHKAGEEIKNKNPNRARTKETSTFSYDIVKDKRYSKDKFTLHIPITMNFGVDEVKRFNDAVN
SAIRIDENVNVIGIDRGERNLLYVVVIDSKGNILEQISLNSIINKEYDIETDYHALLDEREGGRDKARKDWNTVENIRDL
KAGYLSQVVNVVAKLVLKYNAIICLEDLNFGFKRGRQKVEKQVYQKFEKMLIDKLNYLVIDKSREQTSPKELGGALNALQ
LTSKFKSFKELGKQSGVIYYVPAYLTSKIDPTTGFANLFYMKCENVEKSKRFFDGFDFIRFNALENVFEFGFDYRSFTQR
ACGINSKWTVCTNGERIIKYRNPDKNNMFDEKVVVVTDEMKNLFEQYKIPYEDGRNVKDMIISNEEAEFYRRLYRLLQQT
LQMRNSTSDGTRDYIISPVKNKREAYFNSELSDGSVPKDADANGAYNIARKGLWVLEQIRQKSEGEKINLAMTNAEWLEY
AQTHLL
;
A
2 'polyribonucleotide' AAUUUCUACUAAUUGUAGAUGCCGCUACCCCGA B
3 'polydeoxyribonucleotide'
;(DT)(DG)(DG)(DT)(DC)(DG)(DG)(DG)(DG)(DT)(DA)(DG)(DC)(DG)(DG)(DC)(DT)(DA)(DA)(DA)
(DG)(DC)(DA)(DC)(DT)
;
C
4 'polydeoxyribonucleotide' (DA)(DG)(DT)(DG)(DC)(DT)(DT)(DT)(DA) D
#
# COMPACT_ATOMS: atom_id res chain seq x y z
N TYR A 3 -24.07 -19.89 3.10
CA TYR A 3 -22.91 -19.20 2.46
C TYR A 3 -21.82 -20.23 2.11
N GLU A 4 -22.26 -21.37 1.60
CA GLU A 4 -21.36 -22.45 1.20
C GLU A 4 -20.76 -22.25 -0.17
N SER A 5 -21.19 -21.23 -0.92
CA SER A 5 -20.52 -20.84 -2.15
C SER A 5 -19.27 -20.05 -1.76
N LEU A 6 -18.68 -19.34 -2.73
CA LEU A 6 -17.45 -18.56 -2.51
C LEU A 6 -16.28 -19.44 -2.07
N THR A 7 -16.35 -20.74 -2.33
CA THR A 7 -15.36 -21.71 -1.89
C THR A 7 -14.46 -22.04 -3.07
N LYS A 8 -13.16 -21.76 -2.92
CA LYS A 8 -12.12 -21.98 -3.94
C LYS A 8 -12.55 -21.46 -5.31
N GLN A 9 -13.15 -20.27 -5.33
CA GLN A 9 -13.67 -19.65 -6.54
C GLN A 9 -12.72 -18.58 -7.08
N TYR A 10 -11.43 -18.66 -6.76
CA TYR A 10 -10.46 -17.72 -7.27
C TYR A 10 -9.07 -18.33 -7.09
N PRO A 11 -8.25 -18.50 -8.15
CA PRO A 11 -6.95 -19.16 -7.93
C PRO A 11 -5.98 -18.27 -7.17
N VAL A 12 -6.12 -18.25 -5.85
CA VAL A 12 -5.22 -17.52 -4.98
C VAL A 12 -3.86 -18.21 -5.02
N SER A 13 -2.85 -17.55 -4.47
CA SER A 13 -1.52 -18.13 -4.42
C SER A 13 -0.75 -17.48 -3.28
N LYS A 14 0.18 -18.24 -2.72
CA LYS A 14 0.95 -17.83 -1.55
C LYS A 14 2.37 -18.37 -1.70
N THR A 15 3.23 -18.01 -0.73
CA THR A 15 4.61 -18.49 -0.72
C THR A 15 4.99 -18.78 0.72
N ILE A 16 4.89 -20.05 1.12
CA ILE A 16 5.23 -20.45 2.48
C ILE A 16 6.71 -20.26 2.71
N ARG A 17 7.06 -19.69 3.86
CA ARG A 17 8.43 -19.37 4.25
C ARG A 17 8.80 -20.24 5.44
N ASN A 18 9.36 -21.42 5.16
CA ASN A 18 9.65 -22.43 6.17
C ASN A 18 11.13 -22.45 6.48
N GLU A 19 11.48 -23.24 7.50
CA GLU A 19 12.82 -23.30 8.07
C GLU A 19 13.44 -24.67 7.83
N LEU A 20 14.77 -24.69 7.80
CA LEU A 20 15.56 -25.87 7.49
C LEU A 20 16.48 -26.19 8.67
N ILE A 21 16.72 -27.48 8.88
CA ILE A 21 17.79 -27.94 9.77
C ILE A 21 18.43 -29.18 9.12
N PRO A 22 19.75 -29.32 9.10
CA PRO A 22 20.32 -30.51 8.44
C PRO A 22 20.05 -31.77 9.23
N ILE A 23 20.30 -32.91 8.58
CA ILE A 23 20.09 -34.22 9.20
C ILE A 23 21.01 -35.22 8.53
N GLY A 24 21.53 -36.15 9.32
CA GLY A 24 22.67 -36.94 8.87
C GLY A 24 23.93 -36.11 9.05
N LYS A 25 24.94 -36.44 8.25
CA LYS A 25 26.19 -35.67 8.28
C LYS A 25 25.91 -34.23 7.85
N THR A 26 25.47 -34.06 6.61
CA THR A 26 25.07 -32.73 6.12
C THR A 26 26.19 -31.72 6.16
N LEU A 27 27.42 -32.19 6.01
CA LEU A 27 28.56 -31.29 5.91
C LEU A 27 29.34 -31.80 4.73
N ASP A 28 28.66 -32.50 3.83
CA ASP A 28 29.31 -33.13 2.68
C ASP A 28 30.64 -32.63 2.14
N ASN A 29 30.64 -31.54 1.38
CA ASN A 29 31.88 -31.15 0.69
C ASN A 29 33.16 -30.97 1.49
N ILE A 30 34.29 -31.08 0.80
CA ILE A 30 35.61 -30.93 1.42
C ILE A 30 35.76 -29.51 1.96
N ARG A 31 35.25 -28.52 1.25
CA ARG A 31 35.22 -27.16 1.78
C ARG A 31 34.26 -27.01 2.95
N GLN A 32 33.34 -27.96 3.14
CA GLN A 32 32.33 -27.98 4.20
C GLN A 32 31.25 -26.92 4.02
N ASN A 33 31.24 -26.20 2.90
CA ASN A 33 30.22 -25.18 2.68
C ASN A 33 28.86 -25.83 2.50
N ASN A 34 28.77 -26.81 1.62
CA ASN A 34 27.59 -27.52 1.13
C ASN A 34 26.77 -26.68 0.14
N ILE A 35 27.06 -25.39 -0.04
CA ILE A 35 26.46 -24.56 -1.07
C ILE A 35 27.52 -24.02 -2.01
N LEU A 36 28.68 -23.62 -1.46
CA LEU A 36 29.81 -22.92 -2.08
C LEU A 36 29.52 -21.43 -2.20
N GLU A 37 28.32 -20.94 -1.86
CA GLU A 37 28.10 -19.53 -1.57
C GLU A 37 28.50 -19.29 -0.11
N SER A 38 29.82 -19.30 0.11
CA SER A 38 30.41 -19.03 1.41
C SER A 38 31.47 -17.94 1.38
N ASP A 39 32.15 -17.74 0.25
CA ASP A 39 33.12 -16.66 0.08
C ASP A 39 32.97 -16.16 -1.35
N VAL A 40 32.11 -15.15 -1.53
CA VAL A 40 31.93 -14.57 -2.86
C VAL A 40 33.10 -13.65 -3.19
N LYS A 41 33.39 -12.71 -2.30
CA LYS A 41 34.50 -11.76 -2.38
C LYS A 41 34.34 -10.72 -3.47
N ARG A 42 33.23 -10.72 -4.23
CA ARG A 42 32.99 -9.73 -5.26
C ARG A 42 32.54 -8.38 -4.70
N LYS A 43 32.04 -8.35 -3.46
CA LYS A 43 31.42 -7.17 -2.90
C LYS A 43 32.35 -6.35 -2.01
N GLN A 44 33.25 -6.98 -1.26
CA GLN A 44 34.19 -6.21 -0.45
C GLN A 44 35.19 -5.50 -1.36
N ASN A 45 35.47 -4.24 -1.05
CA ASN A 45 36.31 -3.38 -1.88
C ASN A 45 35.77 -3.32 -3.31
N TYR A 46 34.56 -2.77 -3.44
CA TYR A 46 33.87 -2.67 -4.72
C TYR A 46 34.28 -1.43 -5.51
N GLU A 47 35.37 -0.76 -5.13
CA GLU A 47 35.76 0.46 -5.82
C GLU A 47 36.16 0.18 -7.27
N HIS A 48 36.68 -1.01 -7.54
CA HIS A 48 37.06 -1.35 -8.90
C HIS A 48 35.85 -1.42 -9.83
N VAL A 49 34.73 -1.95 -9.35
CA VAL A 49 33.61 -2.31 -10.20
C VAL A 49 32.51 -1.25 -10.18
N LYS A 50 32.46 -0.40 -9.16
CA LYS A 50 31.33 0.50 -8.96
C LYS A 50 31.17 1.50 -10.11
N GLY A 51 29.92 1.75 -10.49
CA GLY A 51 29.61 2.72 -11.51
C GLY A 51 30.00 2.34 -12.92
N ILE A 52 29.80 1.08 -13.32
CA ILE A 52 30.14 0.62 -14.67
C ILE A 52 28.87 0.30 -15.46
N LEU A 53 28.12 -0.71 -15.02
CA LEU A 53 26.98 -1.19 -15.82
C LEU A 53 25.87 -0.15 -15.85
N ASP A 54 25.42 0.29 -14.69
CA ASP A 54 24.35 1.27 -14.63
C ASP A 54 24.77 2.61 -15.22
N GLU A 55 26.07 2.90 -15.26
CA GLU A 55 26.52 4.15 -15.85
C GLU A 55 26.52 4.06 -17.38
N TYR A 56 27.04 2.95 -17.93
CA TYR A 56 27.01 2.71 -19.38
C TYR A 56 25.60 2.45 -19.90
N HIS A 57 24.62 2.25 -19.02
CA HIS A 57 23.23 2.36 -19.46
C HIS A 57 22.94 3.73 -20.07
N LYS A 58 23.66 4.77 -19.65
CA LYS A 58 23.51 6.09 -20.27
C LYS A 58 23.85 6.05 -21.75
N GLN A 59 24.95 5.38 -22.11
CA GLN A 59 25.29 5.21 -23.52
C GLN A 59 24.24 4.36 -24.21
N LEU A 60 23.80 3.30 -23.52
CA LEU A 60 22.84 2.36 -24.10
C LEU A 60 21.53 3.05 -24.46
N ILE A 61 21.13 4.09 -23.72
CA ILE A 61 19.91 4.82 -24.03
C ILE A 61 20.21 5.97 -25.00
N ASN A 62 21.37 6.61 -24.85
CA ASN A 62 21.65 7.80 -25.66
C ASN A 62 21.85 7.45 -27.12
N GLU A 63 22.50 6.32 -27.40
CA GLU A 63 22.82 5.91 -28.77
C GLU A 63 21.71 5.05 -29.40
N ALA A 64 20.50 5.05 -28.83
CA ALA A 64 19.35 4.30 -29.35
C ALA A 64 18.10 5.15 -29.50
N LEU A 65 17.87 6.11 -28.61
CA LEU A 65 16.72 6.99 -28.75
C LEU A 65 16.85 7.85 -30.01
N ASP A 66 15.71 8.42 -30.41
CA ASP A 66 15.57 9.12 -31.68
C ASP A 66 15.70 10.62 -31.40
N ASN A 67 16.82 11.20 -31.83
CA ASN A 67 17.06 12.62 -31.58
C ASN A 67 16.04 13.50 -32.27
N CYS A 68 15.70 13.18 -33.51
CA CYS A 68 14.74 13.94 -34.30
C CYS A 68 13.53 13.04 -34.53
N THR A 69 12.57 13.10 -33.63
CA THR A 69 11.36 12.32 -33.74
C THR A 69 10.44 12.94 -34.80
N LEU A 70 9.21 12.43 -34.88
CA LEU A 70 8.16 13.10 -35.64
C LEU A 70 7.56 14.15 -34.71
N PRO A 71 7.95 15.45 -34.81
CA PRO A 71 7.63 16.36 -33.69
C PRO A 71 6.19 16.85 -33.69
N SER A 72 5.53 16.79 -34.84
CA SER A 72 4.28 17.53 -35.04
C SER A 72 3.16 16.94 -34.21
N LEU A 73 2.65 17.73 -33.27
CA LEU A 73 1.38 17.42 -32.63
C LEU A 73 0.24 17.41 -33.65
N LYS A 74 0.37 18.20 -34.71
CA LYS A 74 -0.63 18.29 -35.76
C LYS A 74 -0.57 17.13 -36.76
N ILE A 75 0.23 16.09 -36.49
CA ILE A 75 0.21 14.92 -37.34
C ILE A 75 -1.17 14.26 -37.31
N ALA A 76 -1.88 14.36 -36.19
CA ALA A 76 -3.25 13.87 -36.13
C ALA A 76 -4.15 14.65 -37.08
N ALA A 77 -3.90 15.96 -37.22
CA ALA A 77 -4.72 16.84 -38.04
C ALA A 77 -6.16 16.85 -37.55
N GLU A 78 -6.36 17.23 -36.27
CA GLU A 78 -7.71 17.21 -35.65
C GLU A 78 -8.06 18.29 -34.59
N ILE A 79 -9.23 18.93 -34.71
CA ILE A 79 -9.68 19.99 -33.76
C ILE A 79 -9.48 19.55 -32.36
N TYR A 80 -9.73 18.26 -32.20
CA TYR A 80 -9.77 17.62 -30.93
C TYR A 80 -11.18 17.96 -30.46
N LEU A 81 -11.36 19.11 -29.85
CA LEU A 81 -12.66 19.52 -29.30
C LEU A 81 -12.54 20.99 -28.90
N LYS A 82 -12.92 21.87 -29.83
CA LYS A 82 -13.10 23.29 -29.58
C LYS A 82 -14.49 23.76 -29.99
N ASN A 83 -15.43 22.82 -30.20
CA ASN A 83 -16.80 23.07 -30.63
C ASN A 83 -16.92 23.47 -32.10
N GLN A 84 -15.79 23.64 -32.81
CA GLN A 84 -15.80 23.93 -34.25
C GLN A 84 -15.50 22.63 -34.98
N LYS A 85 -16.49 21.76 -35.04
CA LYS A 85 -16.36 20.46 -35.71
C LYS A 85 -17.75 19.87 -35.85
N GLU A 86 -17.82 18.70 -36.48
CA GLU A 86 -19.09 18.03 -36.72
C GLU A 86 -19.57 17.32 -35.46
N VAL A 87 -20.85 16.95 -35.48
CA VAL A 87 -21.47 16.35 -34.30
C VAL A 87 -20.89 14.95 -34.05
N SER A 88 -20.76 14.15 -35.10
CA SER A 88 -20.36 12.75 -34.95
C SER A 88 -18.91 12.67 -34.50
N ASP A 89 -18.71 12.35 -33.22
CA ASP A 89 -17.35 12.13 -32.71
C ASP A 89 -16.82 10.77 -33.14
N ARG A 90 -17.62 9.72 -32.92
CA ARG A 90 -17.27 8.35 -33.32
C ARG A 90 -15.96 7.90 -32.69
N GLU A 91 -15.76 8.28 -31.41
CA GLU A 91 -14.65 7.84 -30.56
C GLU A 91 -13.27 8.03 -31.17
N ASP A 92 -13.14 8.98 -32.12
CA ASP A 92 -11.85 9.24 -32.74
C ASP A 92 -11.10 10.34 -32.03
N PHE A 93 -11.81 11.35 -31.50
CA PHE A 93 -11.15 12.44 -30.81
C PHE A 93 -10.49 11.96 -29.52
N ASN A 94 -11.08 11.00 -28.83
CA ASN A 94 -10.44 10.46 -27.64
C ASN A 94 -9.19 9.67 -28.00
N LYS A 95 -9.18 9.02 -29.17
CA LYS A 95 -7.95 8.40 -29.65
C LYS A 95 -6.91 9.44 -30.00
N THR A 96 -7.33 10.60 -30.50
CA THR A 96 -6.39 11.69 -30.75
C THR A 96 -5.77 12.18 -29.45
N GLN A 97 -6.58 12.26 -28.39
CA GLN A 97 -6.02 12.48 -27.05
C GLN A 97 -5.03 11.38 -26.72
N ASP A 98 -5.39 10.13 -27.00
CA ASP A 98 -4.53 9.01 -26.73
C ASP A 98 -3.34 8.99 -27.68
N LEU A 99 -2.35 8.19 -27.33
CA LEU A 99 -1.13 8.02 -28.14
C LEU A 99 -1.46 7.08 -29.29
N LEU A 100 -2.07 7.63 -30.33
CA LEU A 100 -2.52 6.82 -31.45
C LEU A 100 -1.38 6.35 -32.35
N ARG A 101 -0.21 6.98 -32.29
CA ARG A 101 0.94 6.52 -33.06
C ARG A 101 1.50 5.23 -32.48
N LYS A 102 2.20 4.47 -33.34
CA LYS A 102 2.68 3.12 -33.02
C LYS A 102 4.16 2.90 -33.28
N GLU A 103 4.72 3.45 -34.36
CA GLU A 103 6.00 3.02 -34.89
C GLU A 103 7.18 3.83 -34.35
N VAL A 104 6.95 4.74 -33.40
CA VAL A 104 8.09 5.47 -32.84
C VAL A 104 8.97 4.53 -32.03
N VAL A 105 8.40 3.47 -31.46
CA VAL A 105 9.23 2.43 -30.83
C VAL A 105 10.07 1.72 -31.89
N GLU A 106 9.51 1.51 -33.07
CA GLU A 106 10.27 0.87 -34.15
C GLU A 106 11.44 1.75 -34.54
N LYS A 107 11.22 3.06 -34.60
CA LYS A 107 12.34 3.97 -34.83
C LYS A 107 13.32 3.99 -33.67
N LEU A 108 12.84 3.82 -32.43
CA LEU A 108 13.74 3.76 -31.28
C LEU A 108 14.68 2.56 -31.39
N LYS A 109 14.14 1.40 -31.75
CA LYS A 109 14.88 0.15 -31.72
C LYS A 109 15.67 -0.10 -33.01
N ALA A 110 15.97 0.95 -33.79
CA ALA A 110 16.75 0.77 -35.01
C ALA A 110 18.17 0.32 -34.69
N HIS A 111 18.79 0.89 -33.65
CA HIS A 111 20.18 0.64 -33.31
C HIS A 111 20.24 -0.33 -32.13
N GLU A 112 20.98 -1.44 -32.31
CA GLU A 112 21.16 -2.39 -31.22
C GLU A 112 21.98 -1.80 -30.08
N ASN A 113 23.00 -1.00 -30.41
CA ASN A 113 23.66 -0.14 -29.43
C ASN A 113 24.37 -0.88 -28.31
N PHE A 114 25.38 -1.68 -28.64
CA PHE A 114 26.22 -2.27 -27.62
C PHE A 114 27.28 -1.27 -27.15
N THR A 115 27.72 -1.45 -25.91
CA THR A 115 28.59 -0.50 -25.25
C THR A 115 30.02 -0.57 -25.78
N LYS A 116 30.77 0.50 -25.51
CA LYS A 116 32.18 0.53 -25.91
C LYS A 116 32.98 -0.53 -25.17
N ILE A 117 32.65 -0.77 -23.89
CA ILE A 117 33.46 -1.67 -23.08
C ILE A 117 33.35 -3.11 -23.58
N GLY A 118 32.17 -3.51 -24.04
CA GLY A 118 32.00 -4.89 -24.43
C GLY A 118 30.65 -5.18 -25.03
N LYS A 119 30.62 -6.25 -25.83
CA LYS A 119 29.41 -6.85 -26.33
C LYS A 119 28.67 -7.53 -25.17
N LYS A 120 27.44 -7.97 -25.43
CA LYS A 120 26.71 -8.80 -24.47
C LYS A 120 27.47 -10.07 -24.12
N ASP A 121 28.32 -10.55 -25.02
CA ASP A 121 29.06 -11.78 -24.77
C ASP A 121 29.98 -11.67 -23.56
N ILE A 122 30.52 -10.48 -23.29
CA ILE A 122 31.34 -10.31 -22.08
C ILE A 122 30.49 -10.47 -20.83
N LEU A 123 29.20 -10.15 -20.90
CA LEU A 123 28.26 -10.37 -19.81
C LEU A 123 27.53 -11.70 -19.91
N ASP A 124 27.84 -12.51 -20.93
CA ASP A 124 27.20 -13.81 -21.16
C ASP A 124 28.19 -14.97 -21.23
N LEU A 125 29.45 -14.72 -21.57
CA LEU A 125 30.46 -15.79 -21.57
C LEU A 125 30.70 -16.25 -20.15
N LEU A 126 30.62 -17.54 -19.82
CA LEU A 126 30.73 -17.99 -18.39
C LEU A 126 32.15 -18.17 -17.85
N GLU A 127 32.72 -17.15 -17.22
CA GLU A 127 34.04 -17.27 -16.61
C GLU A 127 33.97 -18.33 -15.57
N LYS A 128 32.77 -18.67 -15.19
CA LYS A 128 32.49 -19.56 -14.08
C LYS A 128 33.36 -19.21 -12.87
N LEU A 129 33.43 -17.92 -12.57
CA LEU A 129 34.12 -17.38 -11.41
C LEU A 129 33.28 -16.24 -10.85
N PRO A 130 33.41 -15.92 -9.55
CA PRO A 130 32.77 -14.70 -9.04
C PRO A 130 33.30 -13.43 -9.69
N SER A 131 34.55 -13.43 -10.15
CA SER A 131 35.16 -12.23 -10.70
C SER A 131 36.42 -12.60 -11.45
N ILE A 132 36.94 -11.64 -12.20
CA ILE A 132 38.23 -11.73 -12.87
C ILE A 132 39.13 -10.58 -12.43
N SER A 133 38.54 -9.52 -11.84
CA SER A 133 39.28 -8.32 -11.49
C SER A 133 40.37 -8.61 -10.48
N GLU A 134 41.30 -7.66 -10.35
CA GLU A 134 42.48 -7.80 -9.51
C GLU A 134 42.57 -6.59 -8.58
N ASP A 135 43.48 -6.69 -7.61
CA ASP A 135 43.62 -5.64 -6.61
C ASP A 135 44.09 -4.33 -7.23
N ASP A 136 44.92 -4.39 -8.28
CA ASP A 136 45.46 -3.17 -8.87
C ASP A 136 44.37 -2.42 -9.62
N TYR A 137 43.85 -3.02 -10.69
CA TYR A 137 42.84 -2.37 -11.54
C TYR A 137 42.00 -3.48 -12.19
N ASN A 138 41.05 -3.09 -13.03
CA ASN A 138 40.29 -4.04 -13.83
C ASN A 138 39.79 -3.35 -15.09
N ALA A 139 39.59 -4.15 -16.15
CA ALA A 139 39.24 -3.64 -17.47
C ALA A 139 37.87 -4.10 -17.94
N LEU A 140 37.60 -5.40 -17.96
CA LEU A 140 36.35 -5.99 -18.44
C LEU A 140 35.78 -6.93 -17.40
N GLU A 141 35.70 -6.44 -16.15
CA GLU A 141 35.29 -7.27 -15.03
C GLU A 141 33.85 -7.71 -15.16
N SER A 142 33.58 -8.97 -14.84
CA SER A 142 32.23 -9.52 -14.91
C SER A 142 32.18 -10.77 -14.04
N PHE A 143 30.98 -11.36 -13.96
CA PHE A 143 30.73 -12.61 -13.25
C PHE A 143 29.80 -13.48 -14.10
N ARG A 144 29.53 -14.69 -13.62
CA ARG A 144 28.81 -15.68 -14.41
C ARG A 144 27.33 -15.28 -14.60
N ASN A 145 26.73 -15.81 -15.66
CA ASN A 145 25.31 -15.58 -15.89
C ASN A 145 24.48 -16.32 -14.85
N PHE A 146 23.33 -15.74 -14.51
CA PHE A 146 22.52 -16.18 -13.37
C PHE A 146 21.04 -16.27 -13.77
N TYR A 147 20.74 -17.01 -14.84
CA TYR A 147 19.38 -17.42 -15.13
C TYR A 147 18.44 -16.27 -15.48
N THR A 148 18.57 -15.73 -16.69
CA THR A 148 17.57 -14.83 -17.25
C THR A 148 17.50 -13.49 -16.53
N TYR A 149 18.59 -12.72 -16.63
CA TYR A 149 18.54 -11.29 -16.32
C TYR A 149 17.55 -10.53 -17.22
N PHE A 150 17.26 -11.07 -18.41
CA PHE A 150 16.61 -10.32 -19.48
C PHE A 150 15.25 -9.78 -19.05
N THR A 151 14.32 -10.68 -18.72
CA THR A 151 12.98 -10.27 -18.35
C THR A 151 12.92 -9.55 -17.00
N SER A 152 14.01 -9.56 -16.21
CA SER A 152 13.96 -9.16 -14.81
C SER A 152 14.61 -7.81 -14.54
N TYR A 153 15.90 -7.65 -14.86
CA TYR A 153 16.70 -6.55 -14.32
C TYR A 153 16.80 -5.35 -15.26
N ASN A 154 17.36 -5.55 -16.45
CA ASN A 154 17.79 -4.44 -17.30
C ASN A 154 16.75 -4.06 -18.35
N LYS A 155 16.03 -5.04 -18.91
CA LYS A 155 15.08 -4.75 -19.98
C LYS A 155 13.91 -3.89 -19.51
N VAL A 156 13.67 -3.82 -18.20
CA VAL A 156 12.56 -3.02 -17.68
C VAL A 156 12.75 -1.54 -18.03
N ARG A 157 14.00 -1.10 -18.18
CA ARG A 157 14.27 0.29 -18.55
C ARG A 157 13.97 0.58 -20.01
N GLU A 158 13.81 -0.43 -20.85
CA GLU A 158 13.83 -0.27 -22.31
C GLU A 158 12.43 -0.18 -22.91
N ASN A 159 11.50 0.44 -22.20
CA ASN A 159 10.19 0.77 -22.75
C ASN A 159 9.76 2.10 -22.13
N LEU A 160 9.96 3.20 -22.87
CA LEU A 160 9.74 4.54 -22.35
C LEU A 160 8.40 5.14 -22.75
N TYR A 161 7.83 4.74 -23.88
CA TYR A 161 6.51 5.20 -24.30
C TYR A 161 5.40 4.25 -23.87
N SER A 162 5.69 3.30 -22.97
CA SER A 162 4.80 2.20 -22.64
C SER A 162 4.15 2.42 -21.28
N ASP A 163 3.31 1.48 -20.88
CA ASP A 163 2.60 1.51 -19.61
C ASP A 163 3.44 0.92 -18.49
N LYS A 164 4.55 1.57 -18.15
CA LYS A 164 5.47 1.02 -17.17
C LYS A 164 5.02 1.25 -15.73
N GLU A 165 3.90 1.94 -15.52
CA GLU A 165 3.34 2.15 -14.18
C GLU A 165 4.30 2.92 -13.28
N LYS A 166 4.87 4.00 -13.80
CA LYS A 166 5.57 4.98 -13.00
C LYS A 166 5.41 6.35 -13.65
N SER A 167 5.13 7.36 -12.84
CA SER A 167 4.84 8.70 -13.34
C SER A 167 6.08 9.57 -13.40
N SER A 168 7.08 9.12 -14.16
CA SER A 168 8.28 9.93 -14.42
C SER A 168 8.74 9.69 -15.88
N THR A 169 8.57 8.46 -16.41
CA THR A 169 8.92 8.21 -17.80
C THR A 169 7.80 8.81 -18.65
N VAL A 170 7.96 10.09 -18.93
CA VAL A 170 6.88 10.97 -19.39
C VAL A 170 7.07 11.30 -20.86
N ALA A 171 7.63 10.35 -21.61
CA ALA A 171 7.97 10.56 -23.01
C ALA A 171 6.76 10.69 -23.93
N TYR A 172 5.54 10.40 -23.45
CA TYR A 172 4.33 10.61 -24.24
C TYR A 172 3.19 11.28 -23.47
N ARG A 173 3.18 11.23 -22.14
CA ARG A 173 2.15 11.95 -21.40
C ARG A 173 2.29 13.46 -21.58
N LEU A 174 3.50 13.94 -21.89
CA LEU A 174 3.69 15.36 -22.17
C LEU A 174 2.88 15.79 -23.39
N ILE A 175 3.00 15.05 -24.50
CA ILE A 175 2.19 15.39 -25.67
C ILE A 175 0.73 15.09 -25.41
N ASN A 176 0.43 14.10 -24.57
CA ASN A 176 -0.95 13.81 -24.21
C ASN A 176 -1.61 14.98 -23.48
N GLU A 177 -0.89 15.65 -22.59
CA GLU A 177 -1.44 16.69 -21.73
C GLU A 177 -1.29 18.10 -22.27
N ASN A 178 -0.17 18.44 -22.89
CA ASN A 178 0.12 19.83 -23.21
C ASN A 178 -0.80 20.36 -24.31
N PHE A 179 -1.07 19.53 -25.32
CA PHE A 179 -1.94 19.98 -26.41
C PHE A 179 -3.37 20.23 -25.94
N PRO A 180 -4.01 19.37 -25.14
CA PRO A 180 -5.28 19.76 -24.51
C PRO A 180 -5.18 21.04 -23.70
N LYS A 181 -4.06 21.23 -22.99
CA LYS A 181 -3.88 22.48 -22.25
C LYS A 181 -3.79 23.66 -23.19
N PHE A 182 -3.18 23.48 -24.36
CA PHE A 182 -3.12 24.59 -25.32
C PHE A 182 -4.47 24.85 -25.97
N LEU A 183 -5.28 23.81 -26.17
CA LEU A 183 -6.65 24.04 -26.63
C LEU A 183 -7.44 24.81 -25.57
N ASP A 184 -7.17 24.54 -24.29
CA ASP A 184 -7.75 25.37 -23.24
C ASP A 184 -7.23 26.80 -23.32
N ASN A 185 -5.93 26.96 -23.59
CA ASN A 185 -5.30 28.27 -23.63
C ASN A 185 -5.73 29.10 -24.84
N VAL A 186 -6.27 28.47 -25.89
CA VAL A 186 -6.80 29.21 -27.05
C VAL A 186 -8.31 29.37 -26.90
N LYS A 187 -8.96 28.45 -26.18
CA LYS A 187 -10.35 28.68 -25.80
C LYS A 187 -10.48 29.93 -24.94
N SER A 188 -9.86 29.91 -23.76
CA SER A 188 -9.60 31.09 -22.97
C SER A 188 -8.31 31.73 -23.51
N TYR A 189 -7.71 32.63 -22.75
CA TYR A 189 -6.40 33.19 -23.08
C TYR A 189 -5.58 33.33 -21.82
N ARG A 190 -4.27 33.52 -22.00
CA ARG A 190 -3.31 33.43 -20.90
C ARG A 190 -3.22 34.70 -20.07
N PHE A 191 -4.19 35.61 -20.13
CA PHE A 191 -4.15 36.85 -19.37
C PHE A 191 -4.64 36.68 -17.93
N VAL A 192 -4.74 35.44 -17.44
CA VAL A 192 -4.97 35.17 -16.02
C VAL A 192 -3.70 34.68 -15.32
N LYS A 193 -2.82 34.00 -16.03
CA LYS A 193 -1.60 33.46 -15.44
C LYS A 193 -0.58 34.57 -15.20
N THR A 194 0.35 34.31 -14.27
CA THR A 194 1.36 35.30 -13.92
C THR A 194 2.57 35.21 -14.86
N ALA A 195 2.93 34.01 -15.30
CA ALA A 195 4.16 33.81 -16.05
C ALA A 195 4.15 34.45 -17.44
N GLY A 196 2.98 34.88 -17.93
CA GLY A 196 2.92 35.52 -19.23
C GLY A 196 3.67 36.84 -19.30
N ILE A 197 3.73 37.56 -18.18
CA ILE A 197 4.34 38.89 -18.11
C ILE A 197 5.31 39.00 -16.93
N LEU A 198 5.19 38.09 -15.96
CA LEU A 198 6.10 38.10 -14.83
C LEU A 198 7.43 37.75 -15.43
N ALA A 199 7.40 37.01 -16.53
CA ALA A 199 8.62 36.70 -17.23
C ALA A 199 9.08 37.98 -17.88
N ASP A 200 9.64 38.88 -17.09
CA ASP A 200 9.77 40.25 -17.52
C ASP A 200 10.44 40.23 -18.88
N GLY A 201 11.37 39.29 -19.08
CA GLY A 201 12.03 39.17 -20.36
C GLY A 201 11.24 38.37 -21.37
N LEU A 202 11.59 37.10 -21.54
CA LEU A 202 10.90 36.25 -22.51
C LEU A 202 9.40 36.54 -22.52
N GLY A 203 8.83 36.76 -21.34
CA GLY A 203 7.41 37.04 -21.24
C GLY A 203 6.49 35.97 -21.80
N GLU A 204 6.74 34.70 -21.44
CA GLU A 204 5.91 33.59 -21.89
C GLU A 204 5.68 32.64 -20.73
N GLU A 205 4.60 31.88 -20.83
CA GLU A 205 4.22 30.98 -19.74
C GLU A 205 5.22 29.83 -19.60
N GLU A 206 5.50 29.12 -20.70
CA GLU A 206 6.37 27.94 -20.69
C GLU A 206 7.53 28.03 -21.68
N GLN A 207 7.23 28.39 -22.93
CA GLN A 207 8.13 28.20 -24.07
C GLN A 207 8.49 29.55 -24.67
N ASP A 208 9.60 29.58 -25.40
CA ASP A 208 10.08 30.80 -26.07
C ASP A 208 8.99 31.42 -26.94
N SER A 209 8.29 30.60 -27.70
CA SER A 209 7.00 30.96 -28.30
C SER A 209 6.06 29.80 -28.07
N LEU A 210 4.98 30.06 -27.31
CA LEU A 210 4.10 28.98 -26.86
C LEU A 210 3.37 28.29 -28.01
N PHE A 211 3.15 28.99 -29.13
CA PHE A 211 2.38 28.43 -30.23
C PHE A 211 3.06 27.25 -30.89
N ILE A 212 4.38 27.29 -31.01
CA ILE A 212 5.10 26.32 -31.82
C ILE A 212 5.36 25.05 -31.02
N VAL A 213 5.54 23.95 -31.74
CA VAL A 213 5.92 22.67 -31.16
C VAL A 213 7.44 22.65 -31.01
N GLU A 214 7.95 21.74 -30.20
CA GLU A 214 9.39 21.65 -29.96
C GLU A 214 9.73 20.24 -29.51
N THR A 215 10.97 19.83 -29.78
CA THR A 215 11.48 18.55 -29.32
C THR A 215 11.72 18.65 -27.82
N PHE A 216 10.65 18.36 -27.07
CA PHE A 216 10.71 18.46 -25.61
C PHE A 216 11.62 17.43 -24.97
N ASN A 217 12.07 16.42 -25.72
CA ASN A 217 12.97 15.42 -25.16
C ASN A 217 14.35 15.97 -24.84
N LYS A 218 14.66 17.20 -25.24
CA LYS A 218 15.88 17.85 -24.76
C LYS A 218 15.89 17.96 -23.24
N THR A 219 14.71 18.10 -22.64
CA THR A 219 14.63 18.11 -21.18
C THR A 219 14.91 16.73 -20.60
N LEU A 220 14.68 15.66 -21.37
CA LEU A 220 14.90 14.31 -20.86
C LEU A 220 16.38 13.95 -20.78
N THR A 221 17.21 14.54 -21.62
CA THR A 221 18.63 14.17 -21.69
C THR A 221 19.42 14.81 -20.55
N GLN A 222 20.75 14.81 -20.67
CA GLN A 222 21.64 15.23 -19.59
C GLN A 222 21.35 16.65 -19.11
N ASP A 223 20.95 17.54 -20.01
CA ASP A 223 20.70 18.92 -19.62
C ASP A 223 19.54 19.03 -18.64
N GLY A 224 18.57 18.11 -18.73
CA GLY A 224 17.54 18.02 -17.72
C GLY A 224 16.47 19.10 -17.85
N ILE A 225 15.60 19.13 -16.84
CA ILE A 225 14.55 20.15 -16.77
C ILE A 225 15.04 21.49 -16.27
N ASP A 226 16.36 21.64 -16.04
CA ASP A 226 16.89 22.92 -15.58
C ASP A 226 16.64 24.01 -16.60
N THR A 227 16.86 23.71 -17.87
CA THR A 227 16.60 24.68 -18.94
C THR A 227 15.12 25.05 -18.96
N TYR A 228 14.24 24.07 -18.77
CA TYR A 228 12.82 24.33 -18.85
C TYR A 228 12.34 25.19 -17.67
N ASN A 229 12.87 24.94 -16.46
CA ASN A 229 12.28 25.44 -15.22
C ASN A 229 13.19 26.38 -14.45
N SER A 230 14.44 25.99 -14.21
CA SER A 230 15.21 26.50 -13.07
C SER A 230 15.49 27.99 -13.15
N GLN A 231 15.68 28.53 -14.34
CA GLN A 231 16.04 29.95 -14.43
C GLN A 231 14.85 30.84 -14.05
N VAL A 232 13.68 30.55 -14.63
CA VAL A 232 12.49 31.31 -14.26
C VAL A 232 12.05 30.95 -12.84
N GLY A 233 12.43 29.77 -12.34
CA GLY A 233 12.27 29.51 -10.93
C GLY A 233 13.09 30.46 -10.08
N LYS A 234 14.34 30.70 -10.51
CA LYS A 234 15.20 31.61 -9.77
C LYS A 234 14.67 33.04 -9.80
N ILE A 235 14.18 33.49 -10.96
CA ILE A 235 13.71 34.86 -11.03
C ILE A 235 12.39 35.03 -10.27
N ASN A 236 11.62 33.96 -10.09
CA ASN A 236 10.41 34.02 -9.27
C ASN A 236 10.77 34.39 -7.84
N SER A 237 10.35 35.59 -7.43
CA SER A 237 10.74 36.13 -6.13
C SER A 237 9.74 37.22 -5.75
N SER A 238 10.14 38.09 -4.81
CA SER A 238 9.28 39.19 -4.35
C SER A 238 8.88 40.15 -5.46
N ILE A 239 9.55 40.11 -6.62
CA ILE A 239 9.10 40.88 -7.77
C ILE A 239 7.67 40.48 -8.15
N ASN A 240 7.04 41.32 -8.97
CA ASN A 240 5.61 41.19 -9.30
C ASN A 240 4.77 41.31 -8.03
N LEU A 241 4.77 42.54 -7.50
CA LEU A 241 4.03 42.84 -6.28
C LEU A 241 2.54 42.54 -6.39
N TYR A 242 1.97 42.54 -7.60
CA TYR A 242 0.57 42.18 -7.76
C TYR A 242 0.31 40.71 -7.48
N ASN A 243 1.32 39.84 -7.59
CA ASN A 243 1.17 38.50 -7.04
C ASN A 243 1.02 38.54 -5.53
N GLN A 244 1.68 39.50 -4.88
CA GLN A 244 1.56 39.75 -3.45
C GLN A 244 0.57 40.86 -3.11
N LYS A 245 -0.12 41.42 -4.11
CA LYS A 245 -1.18 42.41 -3.88
C LYS A 245 -2.34 42.05 -4.80
N ASN A 246 -3.43 41.55 -4.19
CA ASN A 246 -4.48 40.88 -4.95
C ASN A 246 -5.20 41.83 -5.91
N GLN A 247 -5.69 41.26 -7.00
CA GLN A 247 -6.50 41.96 -8.00
C GLN A 247 -7.18 40.88 -8.84
N LYS A 248 -7.77 41.28 -9.97
CA LYS A 248 -8.53 40.34 -10.80
C LYS A 248 -7.69 39.20 -11.34
N ALA A 249 -6.39 39.40 -11.54
CA ALA A 249 -5.49 38.36 -12.00
C ALA A 249 -4.09 38.69 -11.50
N ASN A 250 -3.09 37.96 -12.00
CA ASN A 250 -1.69 38.16 -11.62
C ASN A 250 -1.52 37.98 -10.11
N GLY A 251 -1.81 36.75 -9.68
CA GLY A 251 -2.02 36.44 -8.27
C GLY A 251 -3.43 35.96 -8.04
N PHE A 252 -4.00 35.27 -9.03
CA PHE A 252 -5.35 34.73 -8.92
C PHE A 252 -5.45 33.67 -7.83
N ARG A 253 -4.34 33.01 -7.49
CA ARG A 253 -4.29 32.06 -6.39
C ARG A 253 -2.94 32.22 -5.70
N LYS A 254 -2.88 31.78 -4.43
CA LYS A 254 -1.70 31.94 -3.61
C LYS A 254 -0.58 30.96 -3.94
N ILE A 255 -0.85 29.93 -4.74
CA ILE A 255 0.15 28.90 -5.07
C ILE A 255 0.11 28.59 -6.56
N PRO A 256 0.16 29.59 -7.47
CA PRO A 256 -0.01 29.27 -8.89
C PRO A 256 1.15 28.48 -9.49
N LYS A 257 2.35 29.08 -9.54
CA LYS A 257 3.49 28.51 -10.25
C LYS A 257 3.13 28.04 -11.66
N MET A 258 2.82 28.99 -12.55
CA MET A 258 2.33 28.68 -13.90
C MET A 258 3.26 28.15 -14.99
N LYS A 259 3.97 27.06 -14.68
CA LYS A 259 4.56 26.17 -15.68
C LYS A 259 5.22 25.00 -14.98
N MET A 260 5.21 23.82 -15.60
CA MET A 260 5.98 22.70 -15.09
C MET A 260 6.10 21.59 -16.14
N LEU A 261 7.33 21.18 -16.43
CA LEU A 261 7.57 19.89 -17.08
C LEU A 261 7.76 18.83 -16.01
N TYR A 262 7.18 17.66 -16.27
CA TYR A 262 6.98 16.66 -15.25
C TYR A 262 8.29 15.94 -14.95
N LYS A 263 8.34 15.30 -13.78
CA LYS A 263 9.59 15.05 -13.08
C LYS A 263 10.52 14.16 -13.90
N GLN A 264 11.80 14.22 -13.51
CA GLN A 264 12.90 13.64 -14.28
C GLN A 264 12.72 12.15 -14.50
N ILE A 265 13.08 11.68 -15.69
CA ILE A 265 12.82 10.30 -16.10
C ILE A 265 13.66 9.33 -15.28
N LEU A 266 13.37 8.04 -15.41
CA LEU A 266 14.06 7.01 -14.64
C LEU A 266 15.55 7.03 -14.90
N SER A 267 15.95 7.28 -16.15
CA SER A 267 17.37 7.33 -16.49
C SER A 267 18.07 8.56 -15.94
N ASP A 268 17.33 9.58 -15.54
CA ASP A 268 17.91 10.75 -14.89
C ASP A 268 18.10 10.46 -13.41
N ARG A 269 18.64 11.45 -12.68
CA ARG A 269 18.99 11.27 -11.27
C ARG A 269 19.98 10.11 -11.12
N GLU A 270 20.88 10.01 -12.09
CA GLU A 270 21.53 8.73 -12.37
C GLU A 270 22.65 8.97 -13.39
N GLU A 271 23.59 8.02 -13.45
CA GLU A 271 24.57 7.91 -14.54
C GLU A 271 25.50 9.14 -14.62
N SER A 272 26.36 9.25 -13.62
CA SER A 272 27.44 10.26 -13.65
C SER A 272 28.47 9.91 -14.72
N PHE A 273 29.48 10.77 -14.87
CA PHE A 273 30.42 10.73 -16.01
C PHE A 273 31.62 9.83 -15.69
N ILE A 274 31.77 8.76 -16.47
CA ILE A 274 33.02 7.99 -16.49
C ILE A 274 32.94 7.09 -17.71
N ASP A 275 34.11 6.72 -18.26
CA ASP A 275 34.21 5.91 -19.46
C ASP A 275 35.24 4.81 -19.25
N GLU A 276 35.39 3.94 -20.24
CA GLU A 276 36.32 2.83 -20.20
C GLU A 276 37.75 3.37 -20.16
N PHE A 277 38.40 3.23 -19.01
CA PHE A 277 39.78 3.65 -18.81
C PHE A 277 40.45 2.66 -17.88
N GLN A 278 41.77 2.52 -18.03
CA GLN A 278 42.53 1.52 -17.29
C GLN A 278 42.99 2.02 -15.92
N SER A 279 42.31 3.02 -15.36
CA SER A 279 42.45 3.39 -13.95
C SER A 279 41.06 3.52 -13.35
N ASP A 280 40.89 2.96 -12.16
CA ASP A 280 39.59 2.81 -11.52
C ASP A 280 39.39 3.86 -10.45
N GLU A 281 38.12 4.23 -10.24
CA GLU A 281 37.72 5.16 -9.21
C GLU A 281 36.33 4.78 -8.73
N VAL A 282 36.07 5.03 -7.44
CA VAL A 282 34.71 4.82 -6.93
C VAL A 282 33.75 5.77 -7.64
N LEU A 283 34.10 7.06 -7.68
CA LEU A 283 33.49 8.06 -8.55
C LEU A 283 31.97 8.14 -8.32
N ILE A 284 31.62 8.65 -7.13
CA ILE A 284 30.26 9.07 -6.84
C ILE A 284 29.99 10.49 -7.32
N ASP A 285 31.03 11.22 -7.75
CA ASP A 285 30.98 12.66 -7.96
C ASP A 285 31.22 12.99 -9.42
N ASN A 286 30.83 14.21 -9.80
CA ASN A 286 30.95 14.67 -11.19
C ASN A 286 32.42 14.98 -11.48
N VAL A 287 33.03 14.16 -12.33
CA VAL A 287 34.44 14.36 -12.69
C VAL A 287 34.57 15.22 -13.94
N GLU A 288 33.57 15.19 -14.83
CA GLU A 288 33.65 15.98 -16.06
C GLU A 288 33.52 17.47 -15.77
N SER A 289 32.29 17.87 -15.44
CA SER A 289 32.02 19.27 -15.25
C SER A 289 30.51 19.35 -15.03
N TYR A 319 31.38 20.38 -12.84
CA TYR A 319 30.47 20.65 -11.73
C TYR A 319 30.21 22.15 -11.62
N VAL A 320 29.93 22.78 -12.76
CA VAL A 320 29.47 24.18 -12.77
C VAL A 320 28.05 24.31 -12.22
N LYS A 321 27.34 23.20 -12.02
CA LYS A 321 26.06 23.15 -11.34
C LYS A 321 26.02 23.94 -10.04
N ASN A 322 24.82 24.38 -9.66
CA ASN A 322 24.61 24.97 -8.35
C ASN A 322 23.15 24.74 -7.94
N ASP A 323 22.91 23.70 -7.14
CA ASP A 323 21.61 23.49 -6.50
C ASP A 323 21.53 24.48 -5.33
N LEU A 324 21.03 25.68 -5.65
CA LEU A 324 21.42 26.89 -4.94
C LEU A 324 21.12 26.83 -3.45
N ALA A 325 19.87 26.55 -3.08
CA ALA A 325 19.44 26.50 -1.67
C ALA A 325 19.80 27.80 -0.96
N LYS A 326 19.53 28.92 -1.61
CA LYS A 326 20.21 30.17 -1.31
C LYS A 326 19.74 30.71 0.04
N THR A 327 20.48 30.37 1.09
CA THR A 327 20.36 31.00 2.41
C THR A 327 21.68 31.65 2.83
N ALA A 328 22.78 30.90 2.83
CA ALA A 328 24.06 31.36 3.33
C ALA A 328 25.09 31.33 2.20
N MET A 329 25.82 32.43 2.04
CA MET A 329 26.99 32.48 1.16
C MET A 329 28.25 32.46 2.01
N SER A 330 29.29 31.81 1.49
CA SER A 330 30.58 31.68 2.17
C SER A 330 30.42 31.02 3.53
N ASN A 331 29.51 30.04 3.63
CA ASN A 331 29.23 29.39 4.90
C ASN A 331 30.44 28.66 5.46
N ILE A 332 31.41 28.30 4.61
CA ILE A 332 32.67 27.76 5.10
C ILE A 332 33.43 28.81 5.89
N VAL A 333 33.38 30.07 5.44
CA VAL A 333 34.15 31.17 6.03
C VAL A 333 33.27 32.35 6.42
N PHE A 334 31.97 32.11 6.65
CA PHE A 334 31.08 33.12 7.21
C PHE A 334 30.27 32.60 8.40
N GLU A 335 29.83 31.34 8.36
CA GLU A 335 29.21 30.67 9.50
C GLU A 335 27.91 31.33 9.96
N ASN A 336 27.19 31.99 9.05
CA ASN A 336 25.87 32.54 9.34
C ASN A 336 24.89 32.00 8.31
N TRP A 337 23.73 31.52 8.79
CA TRP A 337 22.77 30.88 7.89
C TRP A 337 22.14 31.86 6.92
N ARG A 338 22.12 33.15 7.25
CA ARG A 338 21.81 34.21 6.31
C ARG A 338 22.94 35.22 6.41
N THR A 339 23.61 35.47 5.29
CA THR A 339 24.91 36.12 5.29
C THR A 339 24.87 37.54 5.84
N PHE A 340 24.21 38.46 5.13
CA PHE A 340 24.21 39.86 5.51
C PHE A 340 23.02 40.26 6.37
N ASP A 341 21.94 39.47 6.36
CA ASP A 341 20.84 39.73 7.27
C ASP A 341 21.29 39.57 8.72
N ASP A 342 22.22 38.64 8.97
CA ASP A 342 22.81 38.51 10.30
C ASP A 342 23.57 39.77 10.68
N LEU A 343 24.34 40.33 9.74
CA LEU A 343 25.17 41.48 10.06
C LEU A 343 24.33 42.74 10.25
N LEU A 344 23.27 42.90 9.44
CA LEU A 344 22.64 44.21 9.29
C LEU A 344 21.93 44.65 10.57
N ASN A 345 21.09 43.79 11.14
CA ASN A 345 20.30 44.17 12.30
C ASN A 345 19.88 42.92 13.07
N GLN A 346 19.52 43.13 14.33
CA GLN A 346 19.05 42.08 15.22
C GLN A 346 17.74 42.39 15.94
N GLU A 347 17.34 43.67 16.03
CA GLU A 347 16.14 44.06 16.76
C GLU A 347 14.90 44.06 15.86
N TYR A 348 15.00 44.68 14.69
CA TYR A 348 13.84 44.82 13.81
C TYR A 348 13.49 43.53 13.06
N ASP A 349 14.24 42.44 13.27
CA ASP A 349 13.84 41.15 12.72
C ASP A 349 12.49 40.71 13.26
N LEU A 350 12.17 41.06 14.51
CA LEU A 350 10.92 40.72 15.16
C LEU A 350 10.22 41.96 15.72
N ALA A 351 10.99 42.98 16.11
CA ALA A 351 10.39 44.21 16.61
C ALA A 351 9.55 44.89 15.54
N ASN A 352 10.06 44.94 14.31
CA ASN A 352 9.23 45.35 13.19
C ASN A 352 8.19 44.28 12.90
N GLU A 353 6.95 44.71 12.69
CA GLU A 353 5.85 43.77 12.60
C GLU A 353 5.94 42.98 11.30
N ASN A 354 5.43 41.74 11.35
CA ASN A 354 5.52 40.83 10.23
C ASN A 354 4.65 41.32 9.06
N LYS A 355 4.82 40.66 7.92
CA LYS A 355 4.11 41.03 6.70
C LYS A 355 2.64 40.61 6.71
N LYS A 356 2.24 39.70 7.59
CA LYS A 356 0.90 39.12 7.50
C LYS A 356 -0.17 40.15 7.79
N LYS A 357 -0.19 40.69 9.01
CA LYS A 357 -1.21 41.69 9.35
C LYS A 357 -0.93 43.01 8.64
N ASP A 358 0.34 43.38 8.52
CA ASP A 358 0.76 44.60 7.84
C ASP A 358 1.30 44.19 6.47
N ASP A 359 0.41 44.21 5.47
CA ASP A 359 0.75 43.77 4.12
C ASP A 359 1.58 44.85 3.43
N SER A 387 4.88 46.02 1.00
CA SER A 387 5.36 45.53 -0.29
C SER A 387 6.38 44.42 -0.07
N CYS A 388 6.19 43.31 -0.79
CA CYS A 388 7.12 42.19 -0.65
C CYS A 388 8.53 42.56 -1.11
N ASN A 389 8.64 43.48 -2.07
CA ASN A 389 9.93 43.84 -2.64
C ASN A 389 10.81 44.64 -1.69
N LEU A 390 10.29 45.06 -0.53
CA LEU A 390 11.07 45.77 0.47
C LEU A 390 11.45 44.90 1.66
N ILE A 391 10.88 43.69 1.79
CA ILE A 391 11.05 42.85 2.98
C ILE A 391 11.62 41.48 2.64
N GLU A 392 11.38 41.00 1.41
CA GLU A 392 11.85 39.70 0.96
C GLU A 392 12.74 39.76 -0.28
N ASN A 393 12.95 40.95 -0.85
CA ASN A 393 13.85 41.09 -1.99
C ASN A 393 15.31 40.94 -1.63
N TYR A 394 15.66 40.92 -0.33
CA TYR A 394 17.05 40.73 0.07
C TYR A 394 17.58 39.39 -0.42
N ILE A 395 16.82 38.31 -0.21
CA ILE A 395 17.27 36.99 -0.64
C ILE A 395 17.23 36.82 -2.14
N HIS A 396 16.57 37.70 -2.88
CA HIS A 396 16.56 37.64 -4.33
C HIS A 396 17.75 38.38 -4.94
N GLN A 397 18.15 39.51 -4.36
CA GLN A 397 19.37 40.20 -4.76
C GLN A 397 20.62 39.63 -4.11
N ILE A 398 20.45 38.61 -3.26
CA ILE A 398 21.57 38.00 -2.54
C ILE A 398 22.42 37.14 -3.44
N SER A 399 21.84 36.63 -4.51
CA SER A 399 22.56 35.74 -5.41
C SER A 399 23.50 36.52 -6.31
N ASP A 400 24.06 37.61 -5.80
CA ASP A 400 25.18 38.25 -6.46
C ASP A 400 26.04 37.17 -7.05
N ASP A 401 26.32 37.26 -8.33
CA ASP A 401 27.07 36.18 -8.98
C ASP A 401 28.56 36.29 -8.82
N ILE A 402 29.21 35.17 -8.53
CA ILE A 402 30.66 35.14 -8.46
C ILE A 402 31.26 35.63 -9.76
N GLU A 403 32.26 36.50 -9.67
CA GLU A 403 32.87 37.08 -10.87
C GLU A 403 33.59 36.02 -11.68
N ASN A 404 34.32 35.12 -11.02
CA ASN A 404 35.04 34.06 -11.71
C ASN A 404 34.09 32.92 -12.06
N ILE A 405 34.62 31.94 -12.79
CA ILE A 405 33.81 30.80 -13.22
C ILE A 405 33.46 29.94 -12.02
N LEU A 426 37.27 26.48 -6.85
CA LEU A 426 38.27 25.41 -6.89
C LEU A 426 38.05 24.60 -8.17
N ALA A 427 38.85 24.89 -9.19
CA ALA A 427 38.87 24.09 -10.41
C ALA A 427 39.76 22.88 -10.17
N LYS A 428 39.14 21.70 -10.07
CA LYS A 428 39.86 20.50 -9.66
C LYS A 428 39.22 19.29 -10.33
N ASN A 429 40.03 18.27 -10.57
CA ASN A 429 39.58 16.99 -11.11
C ASN A 429 40.25 15.88 -10.33
N ARG A 430 39.89 14.64 -10.65
CA ARG A 430 40.42 13.47 -9.96
C ARG A 430 41.88 13.32 -10.35
N LYS A 431 42.78 13.75 -9.47
CA LYS A 431 44.18 14.04 -9.81
C LYS A 431 45.17 13.10 -9.16
N ALA A 432 45.17 13.00 -7.82
CA ALA A 432 46.27 12.42 -7.08
C ALA A 432 46.10 10.92 -6.80
N VAL A 433 45.19 10.25 -7.51
CA VAL A 433 44.97 8.83 -7.25
C VAL A 433 46.17 7.98 -7.66
N LYS A 434 46.94 8.42 -8.66
CA LYS A 434 48.05 7.63 -9.16
C LYS A 434 49.22 7.55 -8.17
N ALA A 435 49.28 8.46 -7.18
CA ALA A 435 50.41 8.49 -6.27
C ALA A 435 50.50 7.24 -5.39
N ILE A 436 49.37 6.74 -4.89
CA ILE A 436 49.32 5.55 -4.06
C ILE A 436 48.06 4.77 -4.43
N LYS A 437 48.03 3.49 -4.08
CA LYS A 437 46.94 2.61 -4.51
C LYS A 437 45.59 3.04 -3.94
N ASP A 438 45.56 3.77 -2.82
CA ASP A 438 44.33 4.08 -2.09
C ASP A 438 44.16 5.59 -1.93
N PHE A 439 43.40 6.19 -2.85
CA PHE A 439 42.80 7.51 -2.67
C PHE A 439 41.43 7.47 -3.32
N LEU A 440 40.41 7.96 -2.62
CA LEU A 440 39.02 7.61 -2.87
C LEU A 440 38.18 8.78 -3.38
N ASP A 441 38.06 9.86 -2.61
CA ASP A 441 36.91 10.77 -2.69
C ASP A 441 37.37 12.23 -2.70
N SER A 442 38.30 12.56 -3.59
CA SER A 442 38.80 13.93 -3.68
C SER A 442 37.70 14.91 -4.06
N ILE A 443 37.14 14.75 -5.26
CA ILE A 443 36.13 15.69 -5.73
C ILE A 443 34.82 15.57 -4.96
N LYS A 444 34.49 14.39 -4.43
CA LYS A 444 33.33 14.29 -3.55
C LYS A 444 33.51 15.13 -2.31
N VAL A 445 34.71 15.10 -1.72
CA VAL A 445 35.00 15.95 -0.56
C VAL A 445 34.97 17.42 -0.96
N LEU A 446 35.44 17.73 -2.16
CA LEU A 446 35.39 19.11 -2.64
C LEU A 446 33.95 19.58 -2.77
N GLU A 447 33.07 18.73 -3.29
CA GLU A 447 31.66 19.08 -3.42
C GLU A 447 31.00 19.19 -2.05
N ARG A 448 31.41 18.34 -1.10
CA ARG A 448 30.83 18.39 0.23
C ARG A 448 31.21 19.67 0.96
N GLU A 449 32.51 19.99 0.99
CA GLU A 449 32.96 21.17 1.73
C GLU A 449 32.51 22.46 1.06
N LEU A 450 32.72 22.59 -0.24
CA LEU A 450 32.23 23.74 -0.96
C LEU A 450 30.71 23.71 -1.00
N LYS A 451 30.08 24.83 -0.70
CA LYS A 451 28.66 24.96 -1.01
C LYS A 451 28.48 25.03 -2.53
N LEU A 452 27.25 24.92 -3.05
CA LEU A 452 27.06 24.90 -4.54
C LEU A 452 27.81 26.08 -5.15
N ILE A 453 28.34 25.94 -6.35
CA ILE A 453 29.25 26.97 -6.89
C ILE A 453 28.76 28.38 -7.27
N ASN A 454 27.48 28.67 -7.09
CA ASN A 454 26.96 30.00 -7.41
C ASN A 454 27.36 30.49 -8.80
N SER A 455 27.79 29.58 -9.69
CA SER A 455 28.25 29.97 -11.03
C SER A 455 27.11 29.98 -12.04
N SER A 456 26.44 28.84 -12.21
CA SER A 456 25.41 28.68 -13.23
C SER A 456 24.12 29.33 -12.73
N GLY A 457 24.06 30.66 -12.89
CA GLY A 457 22.96 31.44 -12.35
C GLY A 457 21.72 31.40 -13.23
N GLN A 458 21.08 32.56 -13.43
CA GLN A 458 19.88 32.70 -14.23
C GLN A 458 20.02 33.73 -15.34
N GLU A 459 20.67 34.86 -15.05
CA GLU A 459 20.96 35.89 -16.06
C GLU A 459 19.68 36.44 -16.70
N LEU A 460 18.60 36.50 -15.92
CA LEU A 460 17.33 37.13 -16.30
C LEU A 460 16.68 36.51 -17.54
N GLU A 461 17.10 35.31 -17.96
CA GLU A 461 16.54 34.68 -19.15
C GLU A 461 16.83 33.19 -19.11
N LYS A 462 15.87 32.39 -19.59
CA LYS A 462 15.99 30.93 -19.58
C LYS A 462 16.47 30.35 -20.91
N VAL A 475 19.47 29.72 -21.84
CA VAL A 475 20.81 29.19 -21.64
C VAL A 475 20.69 27.78 -21.07
N GLU A 476 21.76 27.00 -21.25
CA GLU A 476 21.83 25.63 -20.76
C GLU A 476 22.48 25.54 -19.38
N LEU A 477 22.29 26.56 -18.55
CA LEU A 477 22.88 26.59 -17.22
C LEU A 477 22.32 25.46 -16.36
N LYS A 478 23.15 25.01 -15.41
CA LYS A 478 22.81 23.93 -14.50
C LYS A 478 22.46 22.64 -15.24
N GLN A 479 23.23 22.32 -16.28
CA GLN A 479 22.99 21.09 -17.03
C GLN A 479 23.26 19.85 -16.17
N VAL A 480 24.21 19.93 -15.24
CA VAL A 480 24.74 18.76 -14.54
C VAL A 480 24.20 18.66 -13.11
N ASP A 481 23.16 19.44 -12.74
CA ASP A 481 22.35 19.05 -11.59
C ASP A 481 21.77 17.66 -11.75
N SER A 482 21.42 17.26 -12.97
CA SER A 482 20.76 15.97 -13.17
C SER A 482 21.64 14.79 -12.77
N LEU A 483 22.96 14.96 -12.81
CA LEU A 483 23.91 13.92 -12.41
C LEU A 483 24.55 14.18 -11.05
N TYR A 484 24.60 15.44 -10.60
CA TYR A 484 24.79 15.66 -9.18
C TYR A 484 23.65 15.04 -8.37
N ASN A 485 22.45 14.96 -8.96
CA ASN A 485 21.35 14.23 -8.36
C ASN A 485 21.61 12.74 -8.26
N MET A 486 22.54 12.20 -9.09
CA MET A 486 23.06 10.87 -8.80
C MET A 486 24.04 10.95 -7.65
N THR A 487 24.87 12.01 -7.64
CA THR A 487 25.90 12.15 -6.62
C THR A 487 25.28 12.26 -5.22
N ARG A 488 24.12 12.89 -5.11
CA ARG A 488 23.30 12.84 -3.91
C ARG A 488 22.23 11.76 -4.07
N ASN A 489 21.63 11.37 -2.95
CA ASN A 489 20.51 10.44 -2.93
C ASN A 489 20.86 9.06 -3.52
N TYR A 490 22.15 8.71 -3.58
CA TYR A 490 22.53 7.41 -4.11
C TYR A 490 22.13 6.25 -3.20
N LEU A 491 21.79 6.53 -1.94
CA LEU A 491 21.24 5.50 -1.06
C LEU A 491 19.82 5.11 -1.46
N THR A 492 19.06 6.02 -2.07
CA THR A 492 17.66 5.77 -2.38
C THR A 492 17.45 4.80 -3.54
N LYS A 493 18.16 5.02 -4.66
CA LYS A 493 17.87 4.25 -5.92
C LYS A 493 18.75 3.08 -6.33
N LYS A 494 18.45 1.90 -5.82
CA LYS A 494 19.27 0.75 -6.12
C LYS A 494 18.78 -0.55 -5.46
N PRO A 495 17.60 -1.06 -5.85
CA PRO A 495 17.18 -2.36 -5.29
C PRO A 495 17.83 -3.47 -6.06
N PHE A 496 17.80 -3.37 -7.38
CA PHE A 496 18.38 -4.42 -8.21
C PHE A 496 18.71 -4.16 -9.66
N SER A 497 19.99 -3.84 -10.00
CA SER A 497 20.24 -3.89 -11.43
C SER A 497 20.87 -5.26 -11.71
N THR A 498 21.36 -5.45 -12.93
CA THR A 498 22.05 -6.67 -13.26
C THR A 498 23.47 -6.73 -12.71
N GLU A 499 23.98 -5.63 -12.14
CA GLU A 499 25.38 -5.56 -11.75
C GLU A 499 25.68 -6.26 -10.43
N LYS A 500 24.65 -6.66 -9.64
CA LYS A 500 24.86 -7.11 -8.27
C LYS A 500 24.06 -8.37 -7.92
N VAL A 501 23.89 -9.31 -8.85
CA VAL A 501 23.10 -10.50 -8.55
C VAL A 501 23.92 -11.46 -7.69
N LYS A 502 23.23 -12.17 -6.79
CA LYS A 502 23.86 -12.99 -5.77
C LYS A 502 24.16 -14.39 -6.32
N LEU A 503 25.15 -15.04 -5.72
CA LEU A 503 25.55 -16.39 -6.07
C LEU A 503 24.67 -17.43 -5.37
N ASN A 504 24.76 -18.67 -5.83
CA ASN A 504 24.05 -19.80 -5.23
C ASN A 504 24.89 -21.06 -5.52
N PHE A 505 24.25 -22.24 -5.43
CA PHE A 505 24.80 -23.50 -5.94
C PHE A 505 25.37 -23.32 -7.35
N ASN A 506 26.32 -24.15 -7.75
CA ASN A 506 26.91 -24.05 -9.09
C ASN A 506 25.97 -24.63 -10.15
N ARG A 507 24.80 -23.98 -10.28
CA ARG A 507 23.83 -24.33 -11.31
C ARG A 507 22.87 -23.16 -11.39
N SER A 508 22.77 -22.46 -12.48
CA SER A 508 21.87 -21.35 -12.45
C SER A 508 20.42 -21.76 -12.37
N THR A 509 20.06 -22.87 -12.95
CA THR A 509 18.66 -23.21 -13.01
C THR A 509 18.16 -23.85 -11.76
N LEU A 510 18.93 -23.77 -10.69
CA LEU A 510 18.52 -24.54 -9.51
C LEU A 510 17.07 -24.49 -9.13
N LEU A 511 16.41 -25.61 -9.28
CA LEU A 511 15.09 -25.75 -8.67
C LEU A 511 13.97 -25.16 -9.52
N ASN A 512 14.22 -24.99 -10.79
CA ASN A 512 13.21 -24.39 -11.61
C ASN A 512 12.06 -25.33 -11.89
N GLY A 513 12.26 -26.64 -11.75
CA GLY A 513 11.22 -27.62 -11.92
C GLY A 513 11.64 -29.00 -11.44
N TRP A 514 10.74 -29.69 -10.74
CA TRP A 514 11.03 -30.97 -10.12
C TRP A 514 10.21 -32.06 -10.80
N ASP A 515 10.20 -32.04 -12.12
CA ASP A 515 9.53 -33.02 -12.95
C ASP A 515 10.42 -34.26 -13.14
N ARG A 516 9.79 -35.35 -13.59
CA ARG A 516 10.46 -36.62 -13.81
C ARG A 516 11.64 -36.50 -14.76
N ASN A 517 11.40 -35.96 -15.96
CA ASN A 517 12.45 -35.90 -16.97
C ASN A 517 13.57 -34.97 -16.56
N LYS A 518 13.24 -33.87 -15.89
CA LYS A 518 14.23 -32.89 -15.45
C LYS A 518 14.83 -33.22 -14.10
N GLU A 519 14.66 -34.45 -13.62
CA GLU A 519 15.38 -34.90 -12.43
C GLU A 519 16.89 -34.76 -12.63
N THR A 520 17.36 -35.05 -13.84
CA THR A 520 18.80 -35.07 -14.10
C THR A 520 19.40 -33.66 -13.96
N ASP A 521 18.73 -32.66 -14.51
CA ASP A 521 19.32 -31.32 -14.66
C ASP A 521 18.89 -30.34 -13.58
N ASN A 522 17.60 -30.32 -13.18
CA ASN A 522 17.20 -29.27 -12.24
C ASN A 522 17.75 -29.46 -10.84
N LEU A 523 18.36 -30.61 -10.53
CA LEU A 523 19.18 -30.85 -9.35
C LEU A 523 18.35 -31.06 -8.09
N GLY A 524 17.03 -30.93 -8.13
CA GLY A 524 16.18 -31.01 -6.94
C GLY A 524 15.53 -32.38 -6.81
N VAL A 525 15.37 -32.82 -5.57
CA VAL A 525 14.70 -34.09 -5.28
C VAL A 525 14.04 -33.99 -3.91
N LEU A 526 12.81 -34.49 -3.82
CA LEU A 526 12.02 -34.46 -2.60
C LEU A 526 11.99 -35.84 -1.97
N LEU A 527 12.11 -35.87 -0.64
CA LEU A 527 12.11 -37.14 0.08
C LEU A 527 11.70 -36.89 1.52
N LEU A 528 11.28 -37.96 2.19
CA LEU A 528 10.75 -37.84 3.54
C LEU A 528 10.59 -39.23 4.16
N LYS A 529 10.83 -39.31 5.46
CA LYS A 529 10.46 -40.48 6.27
C LYS A 529 9.03 -40.28 6.76
N ASP A 530 8.60 -41.11 7.71
CA ASP A 530 7.34 -40.87 8.38
C ASP A 530 7.50 -39.69 9.35
N GLY A 531 6.62 -38.71 9.23
CA GLY A 531 6.66 -37.54 10.10
C GLY A 531 7.66 -36.49 9.66
N LYS A 532 8.93 -36.74 9.89
CA LYS A 532 9.97 -35.76 9.58
C LYS A 532 10.09 -35.59 8.08
N TYR A 533 9.90 -34.36 7.60
CA TYR A 533 9.97 -34.06 6.17
C TYR A 533 11.41 -33.70 5.81
N TYR A 534 12.00 -34.51 4.94
CA TYR A 534 13.38 -34.35 4.52
C TYR A 534 13.42 -33.54 3.22
N LEU A 535 14.63 -33.23 2.76
CA LEU A 535 14.80 -32.53 1.50
C LEU A 535 16.21 -32.78 0.98
N GLY A 536 16.30 -33.10 -0.32
CA GLY A 536 17.55 -33.47 -0.96
C GLY A 536 17.94 -32.58 -2.11
N ILE A 537 19.21 -32.20 -2.16
CA ILE A 537 19.79 -31.43 -3.27
C ILE A 537 21.03 -32.16 -3.73
N MET A 538 21.09 -32.52 -5.01
CA MET A 538 22.16 -33.35 -5.53
C MET A 538 23.44 -32.53 -5.65
N ASN A 539 24.58 -33.17 -5.44
CA ASN A 539 25.85 -32.51 -5.64
C ASN A 539 26.15 -32.37 -7.13
N THR A 540 26.97 -31.38 -7.47
CA THR A 540 27.23 -31.08 -8.88
C THR A 540 28.02 -32.18 -9.56
N SER A 541 28.79 -32.96 -8.80
CA SER A 541 29.72 -33.91 -9.41
C SER A 541 28.99 -35.06 -10.10
N ALA A 542 27.92 -35.57 -9.47
CA ALA A 542 27.30 -36.84 -9.83
C ALA A 542 25.78 -36.69 -9.94
N ASN A 543 25.34 -35.70 -10.73
CA ASN A 543 23.92 -35.41 -10.87
C ASN A 543 23.13 -36.61 -11.35
N LYS A 544 23.70 -37.42 -12.23
CA LYS A 544 23.00 -38.58 -12.78
C LYS A 544 23.05 -39.79 -11.85
N ALA A 545 23.60 -39.66 -10.64
CA ALA A 545 23.70 -40.82 -9.75
C ALA A 545 22.33 -41.29 -9.30
N PHE A 546 21.34 -40.39 -9.23
CA PHE A 546 20.03 -40.75 -8.70
C PHE A 546 19.09 -41.35 -9.74
N VAL A 547 19.52 -41.45 -11.00
CA VAL A 547 18.63 -41.94 -12.05
C VAL A 547 18.30 -43.42 -11.92
N ASN A 548 19.07 -44.16 -11.12
CA ASN A 548 18.92 -45.62 -11.01
C ASN A 548 18.65 -46.00 -9.56
N PRO A 549 17.39 -46.00 -9.11
CA PRO A 549 17.08 -46.48 -7.76
C PRO A 549 16.99 -48.00 -7.71
N PRO A 550 17.89 -48.70 -7.03
CA PRO A 550 17.70 -50.15 -6.88
C PRO A 550 16.49 -50.45 -6.02
N VAL A 551 15.92 -51.64 -6.22
CA VAL A 551 14.72 -52.04 -5.49
C VAL A 551 15.06 -52.26 -4.03
N ALA A 552 14.03 -52.38 -3.19
CA ALA A 552 14.24 -52.44 -1.74
C ALA A 552 14.95 -53.72 -1.34
N LYS A 553 15.95 -53.58 -0.47
CA LYS A 553 16.68 -54.70 0.13
C LYS A 553 16.44 -54.77 1.63
N THR A 554 16.73 -53.69 2.35
CA THR A 554 16.42 -53.56 3.76
C THR A 554 15.04 -52.91 3.91
N GLU A 555 14.37 -53.20 5.02
CA GLU A 555 13.04 -52.68 5.31
C GLU A 555 13.09 -51.39 6.13
N LYS A 556 14.13 -50.57 5.93
CA LYS A 556 14.26 -49.25 6.53
C LYS A 556 14.09 -48.24 5.40
N VAL A 557 12.86 -47.78 5.21
CA VAL A 557 12.53 -46.92 4.07
C VAL A 557 12.99 -45.49 4.33
N PHE A 558 13.32 -44.80 3.25
CA PHE A 558 13.76 -43.40 3.26
C PHE A 558 13.03 -42.64 2.15
N LYS A 559 11.70 -42.78 2.15
CA LYS A 559 10.85 -42.62 0.98
C LYS A 559 11.11 -41.34 0.20
N LYS A 560 11.01 -41.45 -1.13
CA LYS A 560 11.36 -40.40 -2.07
C LYS A 560 10.17 -40.12 -2.97
N VAL A 561 9.98 -38.84 -3.32
CA VAL A 561 8.82 -38.36 -4.04
C VAL A 561 9.27 -37.71 -5.33
N ASP A 562 8.53 -37.97 -6.41
CA ASP A 562 8.72 -37.34 -7.71
C ASP A 562 7.35 -37.05 -8.32
N TYR A 563 7.31 -36.08 -9.23
CA TYR A 563 6.06 -35.73 -9.91
C TYR A 563 6.35 -35.38 -11.37
N LYS A 564 5.26 -35.07 -12.08
CA LYS A 564 5.29 -34.95 -13.53
C LYS A 564 4.16 -34.02 -13.95
N LEU A 565 4.45 -33.04 -14.80
CA LEU A 565 3.45 -32.07 -15.24
C LEU A 565 3.75 -31.65 -16.68
N LEU A 566 2.99 -30.67 -17.17
CA LEU A 566 3.05 -30.21 -18.56
C LEU A 566 2.81 -28.71 -18.56
N PRO A 567 3.85 -27.87 -18.62
CA PRO A 567 3.64 -26.43 -18.47
C PRO A 567 3.08 -25.80 -19.74
N VAL A 568 2.49 -24.61 -19.55
CA VAL A 568 2.08 -23.62 -20.55
C VAL A 568 1.60 -24.25 -21.86
N PRO A 569 0.47 -24.97 -21.87
CA PRO A 569 0.09 -25.74 -23.08
C PRO A 569 -0.22 -24.87 -24.28
N ASN A 570 -0.45 -23.57 -24.11
CA ASN A 570 -0.49 -22.68 -25.26
C ASN A 570 0.84 -22.68 -26.01
N GLN A 571 1.94 -22.92 -25.30
CA GLN A 571 3.29 -22.84 -25.84
C GLN A 571 3.94 -24.19 -26.08
N MET A 572 3.68 -25.18 -25.21
CA MET A 572 4.33 -26.48 -25.37
C MET A 572 3.73 -27.26 -26.55
N LEU A 573 2.41 -27.23 -26.68
CA LEU A 573 1.76 -27.93 -27.79
C LEU A 573 2.23 -27.46 -29.16
N PRO A 574 2.36 -26.16 -29.45
CA PRO A 574 3.00 -25.78 -30.72
C PRO A 574 4.50 -25.98 -30.72
N LYS A 575 5.15 -25.93 -29.56
CA LYS A 575 6.58 -26.21 -29.50
C LYS A 575 6.87 -27.64 -29.93
N VAL A 576 6.13 -28.59 -29.42
CA VAL A 576 6.26 -29.98 -29.82
C VAL A 576 5.43 -30.20 -31.08
N PHE A 577 5.88 -31.15 -31.90
CA PHE A 577 5.33 -31.57 -33.19
C PHE A 577 5.61 -30.59 -34.32
N PHE A 578 6.11 -29.37 -34.05
CA PHE A 578 6.50 -28.41 -35.07
C PHE A 578 7.99 -28.10 -35.05
N ALA A 579 8.73 -28.57 -34.06
CA ALA A 579 10.17 -28.51 -34.12
C ALA A 579 10.68 -29.33 -35.29
N LYS A 580 11.79 -28.88 -35.88
CA LYS A 580 12.33 -29.55 -37.06
C LYS A 580 12.74 -30.98 -36.74
N SER A 581 13.17 -31.26 -35.51
CA SER A 581 13.54 -32.61 -35.15
C SER A 581 12.34 -33.54 -35.15
N ASN A 582 11.25 -33.14 -34.48
CA ASN A 582 10.06 -33.98 -34.41
C ASN A 582 9.30 -34.04 -35.74
N ILE A 583 9.43 -33.01 -36.58
CA ILE A 583 8.88 -33.10 -37.92
C ILE A 583 9.54 -34.25 -38.68
N ASP A 584 10.87 -34.35 -38.55
CA ASP A 584 11.58 -35.49 -39.14
C ASP A 584 11.15 -36.79 -38.49
N PHE A 585 11.07 -36.81 -37.16
CA PHE A 585 10.69 -38.04 -36.45
C PHE A 585 9.23 -38.38 -36.66
N TYR A 586 8.39 -37.42 -37.01
CA TYR A 586 6.98 -37.67 -37.31
C TYR A 586 6.51 -36.60 -38.27
N ASN A 587 6.23 -37.00 -39.50
CA ASN A 587 5.79 -36.03 -40.50
C ASN A 587 4.39 -35.52 -40.14
N PRO A 588 4.17 -34.20 -40.09
CA PRO A 588 2.80 -33.69 -40.09
C PRO A 588 2.33 -33.43 -41.52
N SER A 589 1.02 -33.24 -41.66
CA SER A 589 0.44 -32.88 -42.94
C SER A 589 0.82 -31.45 -43.29
N SER A 590 1.22 -31.25 -44.55
CA SER A 590 1.67 -29.92 -44.97
C SER A 590 0.54 -28.91 -44.92
N GLU A 591 -0.70 -29.35 -45.15
CA GLU A 591 -1.84 -28.43 -45.11
C GLU A 591 -2.01 -27.84 -43.71
N ILE A 592 -1.88 -28.66 -42.68
CA ILE A 592 -2.05 -28.17 -41.32
C ILE A 592 -0.90 -27.23 -40.95
N TYR A 593 0.32 -27.55 -41.38
CA TYR A 593 1.46 -26.67 -41.12
C TYR A 593 1.26 -25.33 -41.79
N SER A 594 0.79 -25.33 -43.05
CA SER A 594 0.51 -24.09 -43.74
C SER A 594 -0.59 -23.30 -43.04
N ASN A 595 -1.62 -24.01 -42.58
CA ASN A 595 -2.73 -23.36 -41.89
C ASN A 595 -2.27 -22.69 -40.60
N TYR A 596 -1.41 -23.36 -39.84
CA TYR A 596 -0.92 -22.75 -38.61
C TYR A 596 0.05 -21.62 -38.89
N LYS A 597 0.92 -21.76 -39.90
CA LYS A 597 1.87 -20.71 -40.20
C LYS A 597 1.16 -19.44 -40.66
N LYS A 598 0.15 -19.58 -41.52
CA LYS A 598 -0.74 -18.45 -41.79
C LYS A 598 -1.68 -18.21 -40.62
N GLY A 599 -1.99 -19.25 -39.85
CA GLY A 599 -2.74 -19.10 -38.62
C GLY A 599 -4.23 -18.92 -38.82
N THR A 600 -4.85 -19.82 -39.59
CA THR A 600 -6.29 -19.71 -39.81
C THR A 600 -7.06 -19.94 -38.52
N HIS A 601 -6.62 -20.88 -37.69
CA HIS A 601 -7.35 -21.27 -36.51
C HIS A 601 -7.09 -20.39 -35.29
N LYS A 602 -6.26 -19.36 -35.42
CA LYS A 602 -5.89 -18.52 -34.29
C LYS A 602 -7.05 -17.54 -34.00
N LYS A 603 -6.79 -16.59 -33.11
CA LYS A 603 -7.83 -15.67 -32.68
C LYS A 603 -8.25 -14.75 -33.82
N GLY A 604 -9.56 -14.53 -33.96
CA GLY A 604 -10.08 -13.58 -34.92
C GLY A 604 -10.18 -14.10 -36.34
N ASN A 605 -10.91 -15.18 -36.54
CA ASN A 605 -11.11 -15.72 -37.88
C ASN A 605 -12.29 -16.66 -37.88
N MET A 606 -12.97 -16.72 -39.03
CA MET A 606 -14.00 -17.71 -39.33
C MET A 606 -13.42 -18.70 -40.34
N PHE A 607 -13.61 -19.98 -40.10
CA PHE A 607 -12.90 -21.02 -40.85
C PHE A 607 -13.67 -22.32 -40.70
N SER A 608 -13.20 -23.36 -41.37
CA SER A 608 -13.77 -24.70 -41.26
C SER A 608 -13.49 -25.25 -39.87
N LEU A 609 -14.55 -25.39 -39.07
CA LEU A 609 -14.40 -25.99 -37.75
C LEU A 609 -13.94 -27.43 -37.83
N GLU A 610 -14.26 -28.12 -38.93
CA GLU A 610 -13.77 -29.49 -39.10
C GLU A 610 -12.25 -29.53 -39.20
N ASP A 611 -11.65 -28.50 -39.81
CA ASP A 611 -10.18 -28.46 -39.87
C ASP A 611 -9.57 -28.11 -38.51
N CYS A 612 -10.26 -27.31 -37.71
CA CYS A 612 -9.82 -27.10 -36.33
C CYS A 612 -9.87 -28.41 -35.56
N HIS A 613 -10.94 -29.18 -35.75
CA HIS A 613 -11.02 -30.51 -35.14
C HIS A 613 -9.91 -31.42 -35.67
N ASN A 614 -9.54 -31.27 -36.95
CA ASN A 614 -8.43 -32.05 -37.48
C ASN A 614 -7.12 -31.68 -36.80
N LEU A 615 -6.89 -30.38 -36.55
CA LEU A 615 -5.71 -29.95 -35.81
C LEU A 615 -5.72 -30.52 -34.39
N ILE A 616 -6.86 -30.50 -33.74
CA ILE A 616 -6.98 -31.04 -32.38
C ILE A 616 -6.70 -32.54 -32.37
N ASP A 617 -7.10 -33.24 -33.44
CA ASP A 617 -6.87 -34.66 -33.48
C ASP A 617 -5.42 -34.90 -33.76
N PHE A 618 -4.83 -34.05 -34.56
CA PHE A 618 -3.40 -34.18 -34.79
C PHE A 618 -2.64 -34.05 -33.49
N PHE A 619 -3.01 -33.08 -32.65
CA PHE A 619 -2.43 -32.97 -31.31
C PHE A 619 -2.67 -34.23 -30.49
N LYS A 620 -3.90 -34.74 -30.48
CA LYS A 620 -4.24 -35.87 -29.62
C LYS A 620 -3.48 -37.12 -30.03
N GLU A 621 -3.49 -37.45 -31.32
CA GLU A 621 -2.78 -38.65 -31.78
C GLU A 621 -1.27 -38.48 -31.70
N SER A 622 -0.74 -37.27 -31.91
CA SER A 622 0.70 -37.09 -31.80
C SER A 622 1.17 -37.04 -30.36
N ILE A 623 0.27 -36.80 -29.40
CA ILE A 623 0.58 -37.08 -28.00
C ILE A 623 0.44 -38.57 -27.72
N SER A 624 -0.47 -39.25 -28.42
CA SER A 624 -0.55 -40.70 -28.31
C SER A 624 0.75 -41.35 -28.81
N LYS A 625 1.43 -40.71 -29.76
CA LYS A 625 2.74 -41.19 -30.19
C LYS A 625 3.73 -41.22 -29.04
N HIS A 626 3.64 -40.25 -28.13
CA HIS A 626 4.61 -40.15 -27.05
C HIS A 626 4.47 -41.32 -26.08
N GLU A 627 5.50 -41.49 -25.27
CA GLU A 627 5.49 -42.36 -24.10
C GLU A 627 5.61 -41.58 -22.80
N ASP A 628 6.47 -40.57 -22.76
CA ASP A 628 6.61 -39.75 -21.58
C ASP A 628 5.35 -38.93 -21.33
N TRP A 629 4.85 -38.26 -22.36
CA TRP A 629 3.58 -37.56 -22.22
C TRP A 629 2.44 -38.55 -22.03
N SER A 630 2.50 -39.69 -22.71
CA SER A 630 1.44 -40.69 -22.62
C SER A 630 1.35 -41.33 -21.23
N LYS A 631 2.41 -41.22 -20.42
CA LYS A 631 2.33 -41.69 -19.03
C LYS A 631 1.25 -40.93 -18.26
N PHE A 632 0.99 -39.67 -18.63
CA PHE A 632 -0.14 -38.96 -18.04
C PHE A 632 -1.44 -39.65 -18.41
N GLY A 633 -2.43 -39.53 -17.53
CA GLY A 633 -3.77 -40.02 -17.80
C GLY A 633 -4.62 -38.96 -18.46
N PHE A 634 -4.12 -38.38 -19.55
CA PHE A 634 -4.80 -37.28 -20.20
C PHE A 634 -6.08 -37.78 -20.85
N LYS A 635 -7.20 -37.12 -20.53
CA LYS A 635 -8.51 -37.42 -21.10
C LYS A 635 -9.11 -36.10 -21.59
N PHE A 636 -8.76 -35.73 -22.80
CA PHE A 636 -9.20 -34.46 -23.29
C PHE A 636 -10.61 -34.59 -23.73
N SER A 637 -11.09 -33.68 -24.55
CA SER A 637 -12.49 -33.69 -24.90
C SER A 637 -12.91 -34.60 -26.10
N ASP A 638 -14.10 -34.38 -26.68
CA ASP A 638 -14.63 -35.25 -27.74
C ASP A 638 -14.71 -34.63 -29.11
N THR A 639 -14.90 -35.45 -30.14
CA THR A 639 -14.80 -34.92 -31.50
C THR A 639 -16.08 -34.22 -31.96
N ALA A 640 -17.21 -34.42 -31.28
CA ALA A 640 -18.46 -33.79 -31.70
C ALA A 640 -18.35 -32.27 -31.68
N SER A 641 -17.73 -31.73 -30.63
CA SER A 641 -17.35 -30.31 -30.61
C SER A 641 -16.20 -30.19 -29.62
N TYR A 642 -15.00 -30.07 -30.15
CA TYR A 642 -13.85 -29.99 -29.28
C TYR A 642 -13.68 -28.68 -28.55
N ASN A 643 -13.00 -28.74 -27.42
CA ASN A 643 -12.63 -27.52 -26.73
C ASN A 643 -11.98 -26.55 -27.71
N ASP A 644 -12.30 -25.27 -27.56
CA ASP A 644 -11.53 -24.24 -28.26
C ASP A 644 -10.09 -24.26 -27.75
N ILE A 645 -9.21 -23.57 -28.47
CA ILE A 645 -7.78 -23.71 -28.23
C ILE A 645 -7.41 -23.25 -26.83
N SER A 646 -8.03 -22.17 -26.34
CA SER A 646 -7.84 -21.75 -24.97
C SER A 646 -8.39 -22.80 -24.01
N GLU A 647 -9.60 -23.30 -24.28
CA GLU A 647 -10.15 -24.39 -23.49
C GLU A 647 -9.30 -25.64 -23.60
N PHE A 648 -8.69 -25.86 -24.77
CA PHE A 648 -7.81 -27.01 -24.92
C PHE A 648 -6.59 -26.89 -24.02
N TYR A 649 -5.99 -25.70 -23.96
CA TYR A 649 -4.84 -25.52 -23.08
C TYR A 649 -5.25 -25.61 -21.62
N ARG A 650 -6.46 -25.14 -21.28
CA ARG A 650 -6.96 -25.28 -19.92
C ARG A 650 -7.09 -26.76 -19.54
N GLU A 651 -7.74 -27.55 -20.40
CA GLU A 651 -7.90 -28.97 -20.12
C GLU A 651 -6.56 -29.68 -20.05
N VAL A 652 -5.61 -29.27 -20.87
CA VAL A 652 -4.27 -29.87 -20.82
C VAL A 652 -3.60 -29.54 -19.50
N GLU A 653 -3.68 -28.28 -19.08
CA GLU A 653 -2.95 -27.84 -17.89
C GLU A 653 -3.53 -28.46 -16.63
N LYS A 654 -4.86 -28.46 -16.50
CA LYS A 654 -5.46 -28.91 -15.24
C LYS A 654 -5.25 -30.40 -15.00
N GLN A 655 -5.24 -31.20 -16.06
CA GLN A 655 -4.95 -32.63 -15.90
C GLN A 655 -3.46 -32.90 -15.70
N GLY A 656 -2.60 -32.05 -16.24
CA GLY A 656 -1.18 -32.34 -16.25
C GLY A 656 -0.46 -32.09 -14.95
N TYR A 657 -0.73 -32.92 -13.94
CA TYR A 657 0.05 -32.90 -12.71
C TYR A 657 -0.20 -34.20 -11.97
N LYS A 658 0.87 -34.94 -11.68
CA LYS A 658 0.79 -36.20 -10.96
C LYS A 658 2.05 -36.38 -10.15
N LEU A 659 1.90 -36.62 -8.85
CA LEU A 659 3.01 -36.91 -7.95
C LEU A 659 2.92 -38.36 -7.49
N THR A 660 4.09 -38.97 -7.31
CA THR A 660 4.16 -40.36 -6.87
C THR A 660 5.45 -40.52 -6.07
N TYR A 661 5.74 -41.76 -5.66
CA TYR A 661 6.87 -42.02 -4.79
C TYR A 661 7.31 -43.47 -4.96
N THR A 662 8.57 -43.73 -4.65
CA THR A 662 9.17 -45.05 -4.76
C THR A 662 10.04 -45.31 -3.55
N ASP A 663 10.03 -46.55 -3.07
CA ASP A 663 10.84 -46.92 -1.92
C ASP A 663 12.32 -46.79 -2.23
N ILE A 664 13.07 -46.31 -1.24
CA ILE A 664 14.52 -46.18 -1.34
C ILE A 664 15.12 -46.72 -0.05
N ASP A 665 16.22 -47.45 -0.17
CA ASP A 665 16.86 -48.07 0.98
C ASP A 665 17.61 -46.99 1.77
N GLU A 666 17.25 -46.87 3.05
CA GLU A 666 17.93 -45.89 3.92
C GLU A 666 19.41 -46.22 4.04
N THR A 667 19.74 -47.50 4.15
CA THR A 667 21.14 -47.90 4.19
C THR A 667 21.86 -47.52 2.91
N TYR A 668 21.17 -47.56 1.77
CA TYR A 668 21.81 -47.14 0.53
C TYR A 668 22.08 -45.64 0.52
N ILE A 669 21.15 -44.85 1.07
CA ILE A 669 21.40 -43.42 1.21
C ILE A 669 22.61 -43.18 2.10
N ASN A 670 22.72 -43.95 3.19
CA ASN A 670 23.89 -43.86 4.03
C ASN A 670 25.16 -44.27 3.29
N ASP A 671 25.05 -45.29 2.44
CA ASP A 671 26.21 -45.78 1.69
C ASP A 671 26.67 -44.78 0.63
N LEU A 672 25.76 -43.95 0.11
CA LEU A 672 26.12 -42.95 -0.88
C LEU A 672 26.52 -41.61 -0.30
N ILE A 673 25.95 -41.19 0.83
CA ILE A 673 26.24 -39.85 1.36
C ILE A 673 27.70 -39.74 1.80
N GLU A 674 28.35 -40.87 2.12
CA GLU A 674 29.76 -40.85 2.47
C GLU A 674 30.61 -40.28 1.33
N ARG A 675 30.20 -40.53 0.09
CA ARG A 675 30.92 -40.06 -1.08
C ARG A 675 30.69 -38.57 -1.35
N ASN A 676 29.87 -37.88 -0.54
CA ASN A 676 29.59 -36.46 -0.73
C ASN A 676 28.89 -36.21 -2.06
N GLU A 677 27.74 -36.87 -2.22
CA GLU A 677 26.98 -36.88 -3.46
C GLU A 677 25.56 -36.36 -3.32
N LEU A 678 25.10 -36.04 -2.11
CA LEU A 678 23.71 -35.62 -1.90
C LEU A 678 23.64 -34.73 -0.69
N TYR A 679 23.15 -33.50 -0.87
CA TYR A 679 22.91 -32.58 0.23
C TYR A 679 21.50 -32.81 0.75
N LEU A 680 21.39 -33.48 1.89
CA LEU A 680 20.12 -33.77 2.52
C LEU A 680 19.78 -32.67 3.53
N PHE A 681 18.48 -32.47 3.75
CA PHE A 681 18.01 -31.54 4.76
C PHE A 681 16.67 -32.04 5.29
N GLN A 682 16.22 -31.43 6.38
CA GLN A 682 14.87 -31.65 6.87
C GLN A 682 14.36 -30.39 7.54
N ILE A 683 13.05 -30.33 7.73
CA ILE A 683 12.31 -29.12 8.05
C ILE A 683 11.55 -29.34 9.35
N TYR A 684 11.63 -28.37 10.26
CA TYR A 684 10.66 -28.29 11.35
C TYR A 684 10.61 -26.86 11.85
N ASN A 685 9.69 -26.64 12.78
CA ASN A 685 9.46 -25.34 13.39
C ASN A 685 8.94 -25.59 14.81
N LYS A 686 8.27 -24.59 15.38
CA LYS A 686 7.66 -24.73 16.70
C LYS A 686 6.67 -25.89 16.80
N ASP A 687 6.07 -26.31 15.69
CA ASP A 687 4.94 -27.23 15.74
C ASP A 687 5.32 -28.70 15.78
N PHE A 688 6.29 -29.16 14.97
CA PHE A 688 6.56 -30.59 14.84
C PHE A 688 7.24 -31.07 16.12
N SER A 689 6.39 -31.43 17.09
CA SER A 689 6.83 -32.08 18.32
C SER A 689 5.61 -32.65 19.05
N MET A 690 5.65 -33.95 19.37
CA MET A 690 4.46 -34.63 19.86
C MET A 690 4.01 -34.09 21.21
N TYR A 691 4.94 -33.88 22.14
CA TYR A 691 4.56 -33.29 23.43
C TYR A 691 4.14 -31.84 23.26
N SER A 692 4.58 -31.18 22.19
CA SER A 692 4.12 -29.83 21.86
C SER A 692 2.73 -29.94 21.25
N LYS A 693 1.75 -30.21 22.12
CA LYS A 693 0.38 -30.46 21.68
C LYS A 693 -0.35 -29.20 21.24
N GLY A 694 0.21 -28.02 21.53
CA GLY A 694 -0.44 -26.76 21.19
C GLY A 694 -0.77 -26.60 19.72
N LYS A 695 -1.72 -25.73 19.41
CA LYS A 695 -2.26 -25.65 18.07
C LYS A 695 -1.21 -25.11 17.09
N LEU A 696 -1.28 -25.62 15.86
CA LEU A 696 -0.29 -25.33 14.84
C LEU A 696 -0.37 -23.89 14.35
N ASN A 697 0.77 -23.38 13.87
CA ASN A 697 0.76 -22.19 13.04
C ASN A 697 0.04 -22.49 11.74
N LEU A 698 -0.52 -21.46 11.11
CA LEU A 698 -1.32 -21.68 9.92
C LEU A 698 -0.49 -22.14 8.73
N HIS A 699 0.78 -21.74 8.65
CA HIS A 699 1.61 -22.04 7.49
C HIS A 699 2.31 -23.38 7.55
N THR A 700 2.57 -23.91 8.75
CA THR A 700 3.09 -25.26 8.88
C THR A 700 2.00 -26.31 8.66
N LEU A 701 0.73 -25.92 8.71
CA LEU A 701 -0.34 -26.80 8.29
C LEU A 701 -0.33 -27.02 6.78
N TYR A 702 -0.14 -25.95 6.01
CA TYR A 702 -0.16 -26.07 4.55
C TYR A 702 0.99 -26.94 4.06
N PHE A 703 2.21 -26.67 4.53
CA PHE A 703 3.36 -27.44 4.07
C PHE A 703 3.25 -28.89 4.50
N MET A 704 2.75 -29.14 5.72
CA MET A 704 2.58 -30.51 6.19
C MET A 704 1.55 -31.25 5.34
N MET A 705 0.43 -30.60 5.02
CA MET A 705 -0.63 -31.24 4.25
C MET A 705 -0.32 -31.29 2.76
N LEU A 706 0.72 -30.57 2.30
CA LEU A 706 1.07 -30.60 0.88
C LEU A 706 1.45 -32.00 0.43
N PHE A 707 2.29 -32.69 1.21
CA PHE A 707 2.72 -34.04 0.91
C PHE A 707 1.86 -35.08 1.59
N ASP A 708 0.60 -34.77 1.83
CA ASP A 708 -0.33 -35.68 2.49
C ASP A 708 -0.67 -36.78 1.47
N GLN A 709 0.20 -37.79 1.42
CA GLN A 709 0.14 -38.78 0.36
C GLN A 709 -1.13 -39.61 0.38
N ARG A 710 -1.78 -39.75 1.54
CA ARG A 710 -3.03 -40.50 1.58
C ARG A 710 -4.11 -39.78 0.78
N ASN A 711 -4.07 -38.46 0.70
CA ASN A 711 -4.95 -37.68 -0.15
C ASN A 711 -4.26 -37.35 -1.47
N ILE A 712 -5.05 -37.34 -2.54
CA ILE A 712 -4.51 -37.06 -3.86
C ILE A 712 -4.05 -35.61 -3.96
N ASP A 713 -4.72 -34.71 -3.23
CA ASP A 713 -4.50 -33.25 -3.34
C ASP A 713 -4.75 -32.79 -4.78
N ASP A 714 -5.80 -33.35 -5.40
CA ASP A 714 -6.03 -33.16 -6.83
C ASP A 714 -6.30 -31.69 -7.16
N VAL A 715 -7.15 -31.02 -6.37
CA VAL A 715 -7.55 -29.63 -6.61
C VAL A 715 -7.14 -28.77 -5.41
N VAL A 716 -6.09 -29.21 -4.72
CA VAL A 716 -5.60 -28.60 -3.49
C VAL A 716 -4.08 -28.54 -3.70
N TYR A 717 -3.32 -28.06 -2.71
CA TYR A 717 -2.03 -27.39 -2.90
C TYR A 717 -1.06 -28.22 -3.73
N LYS A 718 -0.45 -27.57 -4.73
CA LYS A 718 0.51 -28.20 -5.63
C LYS A 718 1.80 -27.40 -5.62
N LEU A 719 2.91 -28.08 -5.36
CA LEU A 719 4.19 -27.40 -5.39
C LEU A 719 4.51 -26.99 -6.81
N ASN A 720 5.12 -25.82 -6.95
CA ASN A 720 5.24 -25.19 -8.26
C ASN A 720 6.36 -24.18 -8.24
N GLY A 721 7.03 -24.02 -9.38
CA GLY A 721 7.93 -22.90 -9.60
C GLY A 721 9.21 -22.93 -8.79
N GLU A 722 10.01 -21.88 -8.96
CA GLU A 722 11.32 -21.80 -8.32
C GLU A 722 11.18 -21.67 -6.81
N ALA A 723 12.14 -22.22 -6.08
CA ALA A 723 12.11 -22.29 -4.63
C ALA A 723 13.49 -21.95 -4.06
N GLU A 724 14.04 -20.81 -4.47
CA GLU A 724 15.39 -20.41 -4.06
C GLU A 724 15.52 -20.35 -2.55
N VAL A 725 16.67 -20.78 -2.05
CA VAL A 725 16.95 -20.88 -0.62
C VAL A 725 17.68 -19.63 -0.17
N PHE A 726 17.73 -19.43 1.15
CA PHE A 726 18.30 -18.22 1.74
C PHE A 726 18.94 -18.56 3.08
N TYR A 727 20.24 -18.33 3.17
CA TYR A 727 20.96 -18.41 4.44
C TYR A 727 21.08 -17.02 5.07
N ARG A 728 21.05 -16.99 6.40
CA ARG A 728 21.39 -15.80 7.18
C ARG A 728 22.41 -16.16 8.25
N PRO A 729 23.27 -15.23 8.69
CA PRO A 729 24.23 -15.57 9.74
C PRO A 729 23.63 -15.35 11.14
N ALA A 730 24.43 -15.69 12.15
CA ALA A 730 24.04 -15.47 13.53
C ALA A 730 24.17 -14.00 13.88
N SER A 731 23.17 -13.47 14.59
CA SER A 731 23.06 -12.04 14.87
C SER A 731 23.68 -11.66 16.21
N ILE A 732 23.15 -12.21 17.31
CA ILE A 732 23.50 -11.79 18.66
C ILE A 732 24.20 -12.94 19.37
N SER A 733 25.26 -12.62 20.11
CA SER A 733 26.05 -13.62 20.80
C SER A 733 25.37 -14.03 22.11
N GLU A 734 25.85 -15.14 22.66
CA GLU A 734 25.31 -15.65 23.92
C GLU A 734 25.60 -14.70 25.08
N ASP A 735 26.77 -14.05 25.04
CA ASP A 735 27.13 -13.12 26.11
C ASP A 735 26.16 -11.95 26.16
N GLU A 736 25.78 -11.42 25.00
CA GLU A 736 24.80 -10.34 24.93
C GLU A 736 23.40 -10.78 25.34
N LEU A 737 23.10 -12.08 25.28
CA LEU A 737 21.83 -12.59 25.79
C LEU A 737 21.91 -12.64 27.31
N ILE A 738 21.55 -11.51 27.93
CA ILE A 738 21.48 -11.46 29.38
C ILE A 738 20.32 -12.34 29.83
N ILE A 739 20.60 -13.25 30.75
CA ILE A 739 19.63 -14.27 31.16
C ILE A 739 19.95 -14.70 32.58
N HIS A 740 18.91 -14.95 33.36
CA HIS A 740 19.09 -15.49 34.70
C HIS A 740 19.40 -16.97 34.63
N LYS A 741 20.11 -17.47 35.65
CA LYS A 741 20.42 -18.88 35.78
C LYS A 741 19.24 -19.56 36.47
N ALA A 742 19.42 -20.81 36.89
CA ALA A 742 18.35 -21.54 37.58
C ALA A 742 17.96 -20.83 38.86
N GLY A 743 16.66 -20.58 39.03
CA GLY A 743 16.11 -19.86 40.16
C GLY A 743 15.40 -18.59 39.74
N GLU A 744 14.84 -18.59 38.53
CA GLU A 744 14.20 -17.40 37.95
C GLU A 744 12.69 -17.44 38.18
N GLU A 745 12.31 -17.32 39.45
CA GLU A 745 10.89 -17.20 39.82
C GLU A 745 10.44 -15.74 39.75
N ILE A 746 10.52 -15.20 38.54
CA ILE A 746 10.23 -13.79 38.31
C ILE A 746 8.72 -13.60 38.23
N LYS A 747 8.27 -12.35 38.29
CA LYS A 747 6.86 -12.03 38.42
C LYS A 747 6.19 -11.92 37.06
N ASN A 748 4.86 -12.00 37.07
CA ASN A 748 4.07 -11.83 35.86
C ASN A 748 3.75 -10.36 35.63
N LYS A 749 3.78 -9.94 34.37
CA LYS A 749 3.43 -8.56 34.04
C LYS A 749 1.93 -8.34 34.08
N ASN A 750 1.14 -9.35 33.71
CA ASN A 750 -0.30 -9.22 33.55
C ASN A 750 -0.98 -9.08 34.90
N PRO A 751 -1.94 -8.15 35.06
CA PRO A 751 -2.85 -8.24 36.20
C PRO A 751 -3.68 -9.51 36.14
N ASN A 752 -4.04 -10.02 37.32
CA ASN A 752 -4.78 -11.26 37.59
C ASN A 752 -3.96 -12.52 37.30
N ARG A 753 -2.70 -12.40 36.87
CA ARG A 753 -1.75 -13.49 36.91
C ARG A 753 -0.49 -13.12 37.69
N ALA A 754 -0.22 -11.82 37.89
CA ALA A 754 0.70 -11.42 38.94
C ALA A 754 0.12 -11.66 40.33
N ARG A 755 -1.20 -11.81 40.44
CA ARG A 755 -1.84 -12.11 41.71
C ARG A 755 -1.80 -13.61 42.01
N THR A 756 -2.43 -14.41 41.15
CA THR A 756 -2.66 -15.82 41.48
C THR A 756 -1.38 -16.65 41.48
N LYS A 757 -0.44 -16.35 40.59
CA LYS A 757 0.76 -17.14 40.37
C LYS A 757 1.99 -16.24 40.31
N GLU A 758 2.14 -15.39 41.34
CA GLU A 758 3.24 -14.43 41.38
C GLU A 758 4.60 -15.11 41.30
N THR A 759 4.72 -16.30 41.88
CA THR A 759 6.01 -17.02 41.85
C THR A 759 6.38 -17.47 40.45
N SER A 760 5.40 -17.63 39.55
CA SER A 760 5.65 -18.10 38.19
C SER A 760 6.31 -19.49 38.21
N THR A 761 5.52 -20.46 38.65
CA THR A 761 5.96 -21.85 38.71
C THR A 761 6.42 -22.33 37.33
N PHE A 762 7.59 -22.94 37.30
CA PHE A 762 8.26 -23.23 36.04
C PHE A 762 9.33 -24.29 36.29
N SER A 763 9.77 -24.91 35.21
CA SER A 763 10.92 -25.79 35.25
C SER A 763 12.18 -24.93 35.28
N TYR A 764 13.35 -25.54 35.08
CA TYR A 764 14.62 -24.83 35.08
C TYR A 764 15.40 -25.06 33.78
N ASP A 765 14.69 -25.39 32.70
CA ASP A 765 15.21 -25.17 31.34
C ASP A 765 14.98 -23.70 31.03
N ILE A 766 15.90 -22.86 31.54
CA ILE A 766 15.68 -21.43 31.60
C ILE A 766 15.62 -20.85 30.19
N VAL A 767 14.81 -19.82 30.02
CA VAL A 767 14.18 -19.50 28.74
C VAL A 767 14.69 -18.17 28.20
N LYS A 768 14.79 -18.08 26.88
CA LYS A 768 15.22 -16.88 26.16
C LYS A 768 15.00 -17.13 24.68
N ASP A 769 14.79 -16.03 23.93
CA ASP A 769 14.66 -16.12 22.48
C ASP A 769 15.94 -16.67 21.85
N LYS A 770 15.86 -17.90 21.33
CA LYS A 770 17.01 -18.59 20.77
C LYS A 770 17.09 -18.50 19.25
N ARG A 771 16.10 -17.89 18.58
CA ARG A 771 16.09 -17.91 17.13
C ARG A 771 17.25 -17.14 16.52
N TYR A 772 17.79 -16.14 17.23
CA TYR A 772 18.98 -15.41 16.80
C TYR A 772 20.26 -15.94 17.43
N SER A 773 20.20 -17.10 18.09
CA SER A 773 21.36 -17.65 18.77
C SER A 773 22.17 -18.62 17.93
N LYS A 774 21.85 -18.78 16.64
CA LYS A 774 22.49 -19.81 15.83
C LYS A 774 22.29 -19.46 14.36
N ASP A 775 22.93 -20.25 13.49
CA ASP A 775 22.79 -20.09 12.04
C ASP A 775 21.40 -20.54 11.63
N LYS A 776 21.12 -20.51 10.32
CA LYS A 776 19.75 -20.71 9.85
C LYS A 776 19.77 -20.98 8.35
N PHE A 777 18.77 -21.73 7.91
CA PHE A 777 18.52 -21.99 6.49
C PHE A 777 17.01 -21.94 6.27
N THR A 778 16.59 -21.31 5.17
CA THR A 778 15.19 -21.00 4.92
C THR A 778 14.80 -21.34 3.50
N LEU A 779 13.54 -21.75 3.31
CA LEU A 779 12.97 -22.09 2.02
C LEU A 779 11.85 -21.12 1.66
N HIS A 780 11.51 -21.11 0.37
CA HIS A 780 10.30 -20.48 -0.13
C HIS A 780 9.66 -21.48 -1.10
N ILE A 781 8.51 -22.02 -0.72
CA ILE A 781 7.75 -22.95 -1.55
C ILE A 781 6.60 -22.15 -2.18
N PRO A 782 6.64 -21.84 -3.48
CA PRO A 782 5.45 -21.25 -4.08
C PRO A 782 4.28 -22.21 -4.06
N ILE A 783 3.08 -21.66 -3.93
CA ILE A 783 1.87 -22.44 -3.80
C ILE A 783 0.80 -21.80 -4.67
N THR A 784 0.08 -22.64 -5.39
CA THR A 784 -1.13 -22.23 -6.10
C THR A 784 -2.28 -22.92 -5.37
N MET A 785 -2.74 -22.28 -4.30
CA MET A 785 -3.84 -22.84 -3.54
C MET A 785 -5.09 -22.79 -4.41
N ASN A 786 -5.87 -23.87 -4.38
CA ASN A 786 -6.95 -24.08 -5.33
C ASN A 786 -6.43 -24.06 -6.76
N PHE A 787 -5.40 -24.86 -7.01
CA PHE A 787 -4.88 -25.04 -8.36
C PHE A 787 -5.93 -25.71 -9.23
N GLY A 788 -5.96 -25.32 -10.51
CA GLY A 788 -6.83 -25.94 -11.48
C GLY A 788 -8.25 -25.43 -11.48
N VAL A 789 -8.61 -24.52 -10.58
CA VAL A 789 -9.93 -23.91 -10.63
C VAL A 789 -10.05 -23.10 -11.91
N ASP A 790 -11.18 -23.26 -12.60
CA ASP A 790 -11.35 -22.80 -13.98
C ASP A 790 -12.18 -21.53 -14.06
N GLU A 791 -12.01 -20.60 -13.13
CA GLU A 791 -12.85 -19.40 -13.14
C GLU A 791 -12.30 -18.31 -12.24
N VAL A 792 -12.16 -17.10 -12.80
CA VAL A 792 -11.90 -15.88 -12.05
C VAL A 792 -13.13 -14.98 -12.25
N LYS A 793 -13.57 -14.35 -11.18
CA LYS A 793 -14.87 -13.70 -11.13
C LYS A 793 -14.68 -12.29 -10.57
N ARG A 794 -15.81 -11.64 -10.24
CA ARG A 794 -15.83 -10.25 -9.81
C ARG A 794 -16.55 -10.10 -8.47
N PHE A 795 -16.79 -8.86 -8.04
CA PHE A 795 -17.37 -8.61 -6.72
C PHE A 795 -18.84 -8.96 -6.71
N ASN A 796 -19.57 -8.56 -7.75
CA ASN A 796 -20.98 -8.89 -7.85
C ASN A 796 -21.17 -10.41 -7.89
N ASP A 797 -20.28 -11.11 -8.59
CA ASP A 797 -20.29 -12.55 -8.54
C ASP A 797 -19.97 -13.05 -7.14
N ALA A 798 -19.05 -12.37 -6.45
CA ALA A 798 -18.62 -12.76 -5.12
C ALA A 798 -19.59 -12.34 -4.02
N VAL A 799 -20.74 -11.74 -4.36
CA VAL A 799 -21.77 -11.42 -3.36
C VAL A 799 -23.16 -11.89 -3.74
N ASN A 800 -23.49 -12.04 -5.03
CA ASN A 800 -24.89 -12.13 -5.42
C ASN A 800 -25.51 -13.45 -4.97
N SER A 801 -24.68 -14.48 -4.81
CA SER A 801 -25.15 -15.74 -4.23
C SER A 801 -25.70 -15.52 -2.82
N ALA A 802 -25.00 -14.74 -2.01
CA ALA A 802 -25.55 -14.35 -0.71
C ALA A 802 -26.78 -13.47 -0.89
N ILE A 803 -26.80 -12.66 -1.95
CA ILE A 803 -27.90 -11.70 -2.11
C ILE A 803 -29.23 -12.42 -2.38
N ARG A 804 -29.24 -13.48 -3.20
CA ARG A 804 -30.53 -14.14 -3.45
C ARG A 804 -31.10 -14.73 -2.17
N ILE A 805 -30.45 -15.77 -1.64
CA ILE A 805 -30.85 -16.40 -0.38
C ILE A 805 -29.83 -15.98 0.66
N ASP A 806 -30.33 -15.41 1.76
CA ASP A 806 -29.46 -14.62 2.63
C ASP A 806 -28.38 -15.44 3.33
N GLU A 807 -28.76 -16.18 4.37
CA GLU A 807 -27.83 -16.79 5.33
C GLU A 807 -26.71 -15.84 5.82
N ASN A 808 -26.96 -14.52 5.77
CA ASN A 808 -25.94 -13.53 6.10
C ASN A 808 -26.49 -12.24 6.69
N VAL A 809 -27.79 -12.18 7.03
CA VAL A 809 -28.52 -10.91 7.16
C VAL A 809 -27.92 -10.00 8.22
N ASN A 810 -27.27 -10.57 9.23
CA ASN A 810 -26.69 -9.75 10.28
C ASN A 810 -25.55 -8.91 9.72
N VAL A 811 -25.21 -7.84 10.44
CA VAL A 811 -24.21 -6.87 10.00
C VAL A 811 -23.33 -6.49 11.18
N ILE A 812 -22.04 -6.37 10.93
CA ILE A 812 -21.10 -5.87 11.92
C ILE A 812 -21.03 -4.36 11.79
N GLY A 813 -21.03 -3.67 12.93
CA GLY A 813 -20.72 -2.27 12.99
C GLY A 813 -19.28 -2.07 13.47
N ILE A 814 -18.69 -0.96 13.03
CA ILE A 814 -17.33 -0.60 13.45
C ILE A 814 -17.31 0.89 13.72
N ASP A 815 -16.57 1.27 14.77
CA ASP A 815 -16.46 2.67 15.17
C ASP A 815 -15.22 2.80 16.03
N ARG A 816 -14.72 4.03 16.13
CA ARG A 816 -13.62 4.36 17.02
C ARG A 816 -14.02 5.57 17.85
N GLY A 817 -13.29 5.77 18.95
CA GLY A 817 -13.63 6.80 19.91
C GLY A 817 -12.51 6.95 20.93
N GLU A 818 -12.81 7.70 21.99
CA GLU A 818 -11.78 8.00 23.00
C GLU A 818 -11.65 6.87 24.02
N ARG A 819 -12.71 6.61 24.78
CA ARG A 819 -12.60 5.65 25.88
C ARG A 819 -12.41 4.23 25.37
N ASN A 820 -13.14 3.86 24.31
CA ASN A 820 -12.94 2.59 23.63
C ASN A 820 -12.23 2.87 22.31
N LEU A 821 -11.17 2.11 22.05
CA LEU A 821 -10.39 2.38 20.85
C LEU A 821 -11.18 2.04 19.59
N LEU A 822 -11.67 0.81 19.50
CA LEU A 822 -12.33 0.31 18.29
C LEU A 822 -13.58 -0.47 18.69
N TYR A 823 -14.46 0.16 19.48
CA TYR A 823 -15.72 -0.45 19.86
C TYR A 823 -16.52 -0.89 18.64
N VAL A 824 -17.06 -2.11 18.72
CA VAL A 824 -17.81 -2.72 17.63
C VAL A 824 -19.19 -3.08 18.13
N VAL A 825 -20.14 -3.15 17.19
CA VAL A 825 -21.51 -3.51 17.50
C VAL A 825 -22.09 -4.26 16.32
N VAL A 826 -22.46 -5.51 16.54
CA VAL A 826 -23.23 -6.28 15.58
C VAL A 826 -24.70 -6.03 15.86
N ILE A 827 -25.55 -6.20 14.84
CA ILE A 827 -26.99 -6.07 14.99
C ILE A 827 -27.67 -7.18 14.18
N ASP A 828 -28.99 -7.21 14.27
CA ASP A 828 -29.85 -8.05 13.46
C ASP A 828 -30.47 -7.22 12.34
N SER A 829 -31.42 -7.82 11.63
CA SER A 829 -32.02 -7.15 10.48
C SER A 829 -32.75 -5.88 10.87
N LYS A 830 -33.57 -5.94 11.93
CA LYS A 830 -34.41 -4.83 12.34
C LYS A 830 -33.81 -4.03 13.50
N GLY A 831 -32.48 -3.96 13.56
CA GLY A 831 -31.82 -3.06 14.49
C GLY A 831 -31.66 -3.58 15.90
N ASN A 832 -32.07 -4.81 16.18
CA ASN A 832 -31.88 -5.38 17.52
C ASN A 832 -30.41 -5.62 17.77
N ILE A 833 -29.82 -4.90 18.73
CA ILE A 833 -28.43 -5.13 19.06
C ILE A 833 -28.28 -6.51 19.67
N LEU A 834 -27.28 -7.26 19.20
CA LEU A 834 -27.01 -8.62 19.64
C LEU A 834 -25.66 -8.74 20.36
N GLU A 835 -24.86 -7.68 20.42
CA GLU A 835 -23.59 -7.74 21.11
C GLU A 835 -23.15 -6.31 21.41
N GLN A 836 -22.38 -6.17 22.50
CA GLN A 836 -21.89 -4.87 22.96
C GLN A 836 -20.42 -4.97 23.36
N ILE A 837 -19.69 -5.96 22.84
CA ILE A 837 -18.34 -6.20 23.32
C ILE A 837 -17.43 -5.08 22.83
N SER A 838 -16.69 -4.49 23.76
CA SER A 838 -15.59 -3.61 23.43
C SER A 838 -14.40 -4.47 23.09
N LEU A 839 -13.81 -4.24 21.93
CA LEU A 839 -12.55 -4.88 21.56
C LEU A 839 -11.35 -4.23 22.24
N ASN A 840 -11.58 -3.26 23.13
CA ASN A 840 -10.58 -2.95 24.14
C ASN A 840 -10.33 -4.15 25.05
N SER A 841 -11.34 -5.01 25.26
CA SER A 841 -11.26 -6.21 26.09
C SER A 841 -11.49 -7.45 25.22
N ILE A 842 -10.58 -8.42 25.35
CA ILE A 842 -10.67 -9.68 24.62
C ILE A 842 -10.37 -10.70 25.69
N ILE A 843 -10.80 -11.94 25.53
CA ILE A 843 -10.60 -12.92 26.59
C ILE A 843 -10.53 -14.33 26.03
N ASN A 844 -9.54 -15.11 26.45
CA ASN A 844 -9.35 -16.47 25.96
C ASN A 844 -10.44 -17.34 26.58
N LYS A 845 -11.56 -17.45 25.84
CA LYS A 845 -12.71 -18.19 26.36
C LYS A 845 -12.41 -19.68 26.49
N GLU A 846 -11.75 -20.25 25.48
CA GLU A 846 -11.46 -21.69 25.52
C GLU A 846 -10.50 -22.01 26.65
N TYR A 847 -9.42 -21.24 26.77
CA TYR A 847 -8.55 -21.38 27.93
C TYR A 847 -9.26 -20.93 29.20
N ASP A 848 -10.17 -19.97 29.07
CA ASP A 848 -11.06 -19.55 30.15
C ASP A 848 -10.27 -18.96 31.32
N ILE A 849 -9.31 -18.11 30.99
CA ILE A 849 -8.63 -17.25 31.95
C ILE A 849 -8.59 -15.85 31.37
N GLU A 850 -9.00 -14.87 32.16
CA GLU A 850 -9.15 -13.51 31.65
C GLU A 850 -7.79 -12.94 31.26
N THR A 851 -7.74 -12.35 30.06
CA THR A 851 -6.52 -11.68 29.61
C THR A 851 -6.45 -10.25 30.13
N ASP A 852 -7.60 -9.65 30.44
CA ASP A 852 -7.67 -8.25 30.86
C ASP A 852 -7.06 -7.34 29.80
N TYR A 853 -7.48 -7.54 28.54
CA TYR A 853 -6.91 -6.79 27.44
C TYR A 853 -7.22 -5.30 27.53
N HIS A 854 -8.31 -4.92 28.19
CA HIS A 854 -8.54 -3.52 28.49
C HIS A 854 -7.45 -3.02 29.42
N ALA A 855 -6.84 -1.90 29.05
CA ALA A 855 -5.71 -1.26 29.73
C ALA A 855 -4.38 -1.96 29.48
N LEU A 856 -4.39 -3.18 28.92
CA LEU A 856 -3.22 -3.67 28.20
C LEU A 856 -3.18 -3.07 26.80
N LEU A 857 -4.33 -2.58 26.31
CA LEU A 857 -4.40 -1.82 25.07
C LEU A 857 -4.30 -0.32 25.32
N ASP A 858 -5.26 0.24 26.06
CA ASP A 858 -5.40 1.70 26.10
C ASP A 858 -4.28 2.34 26.90
N GLU A 859 -3.99 1.83 28.09
CA GLU A 859 -2.90 2.38 28.86
C GLU A 859 -1.54 2.06 28.27
N ARG A 860 -1.41 0.97 27.51
CA ARG A 860 -0.13 0.69 26.87
C ARG A 860 0.11 1.63 25.69
N GLU A 861 -0.92 1.90 24.88
CA GLU A 861 -0.72 2.90 23.84
C GLU A 861 -0.55 4.30 24.44
N GLY A 862 -1.14 4.55 25.61
CA GLY A 862 -0.82 5.79 26.31
C GLY A 862 0.63 5.84 26.76
N GLY A 863 1.16 4.71 27.22
CA GLY A 863 2.56 4.64 27.55
C GLY A 863 3.45 4.91 26.35
N ARG A 864 3.09 4.34 25.20
CA ARG A 864 3.82 4.66 23.98
C ARG A 864 3.69 6.14 23.63
N ASP A 865 2.52 6.73 23.85
CA ASP A 865 2.33 8.14 23.54
C ASP A 865 3.23 9.03 24.37
N LYS A 866 3.33 8.74 25.67
CA LYS A 866 4.14 9.56 26.57
C LYS A 866 5.62 9.16 26.59
N ALA A 867 6.00 8.06 25.93
CA ALA A 867 7.40 7.63 25.86
C ALA A 867 8.04 7.78 24.48
N ARG A 868 7.24 7.94 23.42
CA ARG A 868 7.76 8.08 22.06
C ARG A 868 8.27 9.49 21.76
N LYS A 869 7.91 10.48 22.57
CA LYS A 869 8.26 11.87 22.27
C LYS A 869 9.76 12.09 22.30
N ASP A 870 10.47 11.39 23.19
CA ASP A 870 11.88 11.66 23.46
C ASP A 870 12.83 10.61 22.89
N TRP A 871 12.39 9.37 22.72
CA TRP A 871 13.24 8.35 22.11
C TRP A 871 12.37 7.23 21.58
N ASN A 872 12.90 6.50 20.61
CA ASN A 872 12.14 5.48 19.88
C ASN A 872 11.84 4.32 20.82
N THR A 873 10.59 4.26 21.29
CA THR A 873 10.16 3.23 22.22
C THR A 873 10.31 1.84 21.62
N VAL A 874 10.23 0.84 22.50
CA VAL A 874 10.25 -0.55 22.04
C VAL A 874 9.06 -0.82 21.11
N GLU A 875 7.89 -0.30 21.48
CA GLU A 875 6.71 -0.38 20.63
C GLU A 875 6.83 0.69 19.54
N ASN A 876 6.90 0.24 18.28
CA ASN A 876 6.80 1.17 17.17
C ASN A 876 5.47 1.90 17.22
N ILE A 877 5.41 3.03 16.51
CA ILE A 877 4.25 3.92 16.55
C ILE A 877 2.99 3.24 16.00
N ARG A 878 3.12 2.13 15.26
CA ARG A 878 1.96 1.42 14.72
C ARG A 878 2.04 -0.10 14.84
N ASP A 879 3.13 -0.66 15.36
CA ASP A 879 3.24 -2.12 15.38
C ASP A 879 2.26 -2.73 16.38
N LEU A 880 2.05 -2.09 17.52
CA LEU A 880 1.08 -2.59 18.48
C LEU A 880 -0.32 -2.54 17.90
N LYS A 881 -0.64 -1.47 17.19
CA LYS A 881 -1.93 -1.38 16.51
C LYS A 881 -2.04 -2.48 15.46
N ALA A 882 -0.94 -2.76 14.76
CA ALA A 882 -0.96 -3.81 13.74
C ALA A 882 -1.26 -5.16 14.38
N GLY A 883 -0.60 -5.46 15.50
CA GLY A 883 -0.86 -6.71 16.19
C GLY A 883 -2.28 -6.79 16.73
N TYR A 884 -2.78 -5.67 17.28
CA TYR A 884 -4.13 -5.65 17.82
C TYR A 884 -5.16 -5.88 16.74
N LEU A 885 -4.98 -5.21 15.60
CA LEU A 885 -5.91 -5.40 14.50
C LEU A 885 -5.80 -6.80 13.93
N SER A 886 -4.59 -7.36 13.93
CA SER A 886 -4.39 -8.74 13.52
C SER A 886 -5.22 -9.68 14.39
N GLN A 887 -5.16 -9.47 15.70
CA GLN A 887 -5.97 -10.28 16.60
C GLN A 887 -7.46 -10.05 16.35
N VAL A 888 -7.85 -8.79 16.10
CA VAL A 888 -9.25 -8.46 15.85
C VAL A 888 -9.76 -9.15 14.59
N VAL A 889 -8.88 -9.44 13.64
CA VAL A 889 -9.31 -10.14 12.43
C VAL A 889 -9.89 -11.51 12.79
N ASN A 890 -9.26 -12.21 13.72
CA ASN A 890 -9.81 -13.48 14.17
C ASN A 890 -11.17 -13.29 14.83
N VAL A 891 -11.33 -12.22 15.62
CA VAL A 891 -12.59 -11.99 16.31
C VAL A 891 -13.71 -11.75 15.31
N VAL A 892 -13.47 -10.87 14.35
CA VAL A 892 -14.51 -10.55 13.38
C VAL A 892 -14.78 -11.75 12.47
N ALA A 893 -13.75 -12.52 12.13
CA ALA A 893 -13.98 -13.71 11.31
C ALA A 893 -14.82 -14.74 12.05
N LYS A 894 -14.52 -14.96 13.34
CA LYS A 894 -15.31 -15.88 14.13
C LYS A 894 -16.74 -15.38 14.27
N LEU A 895 -16.92 -14.06 14.45
CA LEU A 895 -18.26 -13.51 14.53
C LEU A 895 -19.00 -13.69 13.21
N VAL A 896 -18.30 -13.51 12.09
CA VAL A 896 -18.91 -13.68 10.78
C VAL A 896 -19.38 -15.12 10.60
N LEU A 897 -18.54 -16.07 10.99
CA LEU A 897 -18.88 -17.48 10.84
C LEU A 897 -19.85 -17.99 11.90
N LYS A 898 -20.01 -17.28 13.02
CA LYS A 898 -20.92 -17.68 14.08
C LYS A 898 -22.31 -17.09 13.87
N TYR A 899 -22.39 -15.76 13.83
CA TYR A 899 -23.66 -15.06 13.69
C TYR A 899 -24.06 -14.81 12.25
N ASN A 900 -23.27 -15.27 11.27
CA ASN A 900 -23.47 -15.08 9.84
C ASN A 900 -23.27 -13.64 9.40
N ALA A 901 -22.87 -12.73 10.29
CA ALA A 901 -22.94 -11.32 9.99
C ALA A 901 -21.86 -10.93 8.97
N ILE A 902 -22.19 -9.92 8.15
CA ILE A 902 -21.30 -9.41 7.10
C ILE A 902 -20.73 -8.08 7.54
N ILE A 903 -19.52 -7.81 7.11
CA ILE A 903 -18.75 -6.67 7.61
C ILE A 903 -19.18 -5.41 6.86
N CYS A 904 -19.34 -4.32 7.62
CA CYS A 904 -19.80 -3.04 7.10
C CYS A 904 -19.00 -1.88 7.68
N LEU A 905 -17.67 -1.97 7.58
CA LEU A 905 -16.77 -0.86 7.92
C LEU A 905 -17.20 0.48 7.33
N GLU A 906 -16.83 1.57 8.00
CA GLU A 906 -17.19 2.91 7.52
C GLU A 906 -16.49 3.24 6.22
N ASP A 907 -17.15 4.03 5.39
CA ASP A 907 -16.51 4.60 4.22
C ASP A 907 -15.52 5.67 4.63
N LEU A 908 -14.53 5.92 3.76
CA LEU A 908 -13.60 7.02 3.93
C LEU A 908 -13.31 7.74 2.61
N ASN A 909 -14.19 7.60 1.61
CA ASN A 909 -14.11 8.34 0.36
C ASN A 909 -15.26 9.33 0.23
N PHE A 910 -16.50 8.85 0.36
CA PHE A 910 -17.64 9.76 0.38
C PHE A 910 -17.60 10.67 1.60
N GLY A 911 -16.99 10.21 2.68
CA GLY A 911 -16.77 11.08 3.82
C GLY A 911 -15.85 12.25 3.48
N PHE A 912 -16.00 13.33 4.24
CA PHE A 912 -15.40 14.60 3.89
C PHE A 912 -14.05 14.82 4.56
N LYS A 913 -14.01 14.84 5.89
CA LYS A 913 -12.84 15.34 6.59
C LYS A 913 -11.77 14.26 6.71
N ARG A 914 -10.59 14.70 7.17
CA ARG A 914 -9.60 13.83 7.79
C ARG A 914 -9.79 13.83 9.31
N GLY A 915 -9.85 15.03 9.91
CA GLY A 915 -10.38 15.20 11.25
C GLY A 915 -9.56 14.62 12.38
N ARG A 916 -9.85 15.10 13.60
CA ARG A 916 -9.28 14.49 14.79
C ARG A 916 -9.73 13.05 14.89
N GLN A 917 -8.80 12.16 15.28
CA GLN A 917 -9.08 10.73 15.34
C GLN A 917 -8.29 10.10 16.47
N LYS A 918 -8.82 8.99 16.99
CA LYS A 918 -8.09 8.22 17.98
C LYS A 918 -6.84 7.58 17.37
N VAL A 919 -6.93 7.15 16.11
CA VAL A 919 -5.82 6.57 15.37
C VAL A 919 -5.39 7.58 14.30
N GLU A 920 -4.10 7.90 14.29
CA GLU A 920 -3.64 9.15 13.67
C GLU A 920 -3.66 9.11 12.15
N LYS A 921 -2.85 8.24 11.55
CA LYS A 921 -2.55 8.30 10.12
C LYS A 921 -3.46 7.41 9.29
N GLN A 922 -4.71 7.23 9.71
CA GLN A 922 -5.66 6.37 9.02
C GLN A 922 -5.13 4.93 8.95
N VAL A 923 -4.77 4.40 10.12
CA VAL A 923 -4.47 2.98 10.25
C VAL A 923 -5.73 2.15 10.01
N TYR A 924 -6.91 2.75 10.17
CA TYR A 924 -8.16 2.13 9.78
C TYR A 924 -8.15 1.70 8.32
N GLN A 925 -7.46 2.44 7.46
CA GLN A 925 -7.35 2.06 6.05
C GLN A 925 -6.64 0.72 5.88
N LYS A 926 -5.45 0.59 6.48
CA LYS A 926 -4.75 -0.68 6.40
C LYS A 926 -5.47 -1.77 7.18
N PHE A 927 -6.33 -1.41 8.13
CA PHE A 927 -7.22 -2.42 8.71
C PHE A 927 -8.20 -2.94 7.67
N GLU A 928 -8.72 -2.05 6.81
CA GLU A 928 -9.55 -2.52 5.69
C GLU A 928 -8.76 -3.49 4.82
N LYS A 929 -7.51 -3.12 4.52
CA LYS A 929 -6.69 -3.96 3.65
C LYS A 929 -6.43 -5.33 4.28
N MET A 930 -6.11 -5.34 5.58
CA MET A 930 -5.83 -6.60 6.28
C MET A 930 -7.08 -7.47 6.35
N LEU A 931 -8.24 -6.85 6.58
CA LEU A 931 -9.48 -7.61 6.67
C LEU A 931 -9.91 -8.16 5.32
N ILE A 932 -9.54 -7.49 4.22
CA ILE A 932 -9.73 -8.10 2.90
C ILE A 932 -8.76 -9.26 2.73
N ASP A 933 -7.50 -9.05 3.12
CA ASP A 933 -6.43 -10.00 2.81
C ASP A 933 -6.67 -11.33 3.51
N LYS A 934 -7.09 -11.29 4.77
CA LYS A 934 -7.43 -12.55 5.42
C LYS A 934 -8.76 -13.11 4.95
N LEU A 935 -9.73 -12.27 4.61
CA LEU A 935 -11.00 -12.80 4.12
C LEU A 935 -10.91 -13.36 2.70
N ASN A 936 -9.74 -13.32 2.07
CA ASN A 936 -9.48 -14.22 0.94
C ASN A 936 -9.54 -15.69 1.34
N TYR A 937 -9.38 -16.03 2.62
CA TYR A 937 -9.48 -17.42 3.07
C TYR A 937 -9.82 -17.46 4.56
N ILE A 940 -10.89 -18.62 8.55
CA ILE A 940 -10.23 -19.29 9.67
C ILE A 940 -9.99 -20.76 9.38
N ASP A 941 -8.81 -21.24 9.77
CA ASP A 941 -8.45 -22.64 9.72
C ASP A 941 -8.06 -23.06 11.13
N LYS A 942 -8.40 -24.30 11.49
CA LYS A 942 -8.25 -24.74 12.88
C LYS A 942 -6.78 -24.78 13.28
N SER A 943 -5.94 -25.39 12.44
CA SER A 943 -4.49 -25.42 12.67
C SER A 943 -4.16 -26.13 14.00
N ARG A 944 -4.74 -27.30 14.19
CA ARG A 944 -4.61 -28.10 15.39
C ARG A 944 -3.66 -29.27 15.15
N GLU A 945 -3.33 -30.01 16.22
CA GLU A 945 -2.30 -31.05 16.14
C GLU A 945 -2.75 -32.18 15.23
N GLN A 946 -4.03 -32.56 15.30
CA GLN A 946 -4.63 -33.52 14.38
C GLN A 946 -5.86 -32.88 13.78
N THR A 947 -6.14 -33.24 12.53
CA THR A 947 -7.21 -32.61 11.75
C THR A 947 -8.05 -33.68 11.09
N SER A 948 -9.27 -33.28 10.73
CA SER A 948 -10.15 -34.01 9.81
C SER A 948 -10.48 -33.01 8.71
N PRO A 949 -9.54 -32.76 7.76
CA PRO A 949 -9.59 -31.54 6.93
C PRO A 949 -10.83 -31.34 6.06
N LYS A 950 -11.72 -32.33 5.96
CA LYS A 950 -12.94 -32.19 5.15
C LYS A 950 -13.93 -31.27 5.88
N GLU A 951 -13.64 -29.97 5.78
CA GLU A 951 -14.49 -28.96 6.43
C GLU A 951 -14.27 -27.62 5.74
N LEU A 952 -15.23 -26.72 5.94
CA LEU A 952 -15.15 -25.40 5.34
C LEU A 952 -13.91 -24.65 5.82
N GLY A 953 -13.66 -24.69 7.12
CA GLY A 953 -12.45 -24.15 7.71
C GLY A 953 -11.45 -25.23 8.01
N GLY A 954 -11.41 -26.27 7.17
CA GLY A 954 -10.58 -27.44 7.40
C GLY A 954 -9.25 -27.46 6.66
N ALA A 955 -8.83 -26.32 6.08
CA ALA A 955 -7.54 -26.17 5.43
C ALA A 955 -7.40 -26.90 4.09
N LEU A 956 -8.43 -27.64 3.67
CA LEU A 956 -8.47 -28.21 2.32
C LEU A 956 -9.02 -27.18 1.34
N ASN A 957 -10.21 -26.67 1.64
CA ASN A 957 -10.92 -25.72 0.80
C ASN A 957 -11.35 -24.56 1.69
N ALA A 958 -10.49 -23.55 1.79
CA ALA A 958 -10.81 -22.36 2.58
C ALA A 958 -11.83 -21.52 1.83
N LEU A 959 -12.88 -21.11 2.52
CA LEU A 959 -13.89 -20.24 1.92
C LEU A 959 -13.27 -18.91 1.52
N GLN A 960 -13.40 -18.56 0.24
CA GLN A 960 -12.87 -17.31 -0.29
C GLN A 960 -13.97 -16.25 -0.20
N LEU A 961 -14.10 -15.66 0.99
CA LEU A 961 -15.24 -14.80 1.26
C LEU A 961 -15.26 -13.54 0.41
N THR A 962 -14.10 -13.00 0.04
CA THR A 962 -14.02 -11.79 -0.77
C THR A 962 -12.93 -11.95 -1.81
N SER A 963 -13.21 -11.47 -3.03
CA SER A 963 -12.20 -11.51 -4.07
C SER A 963 -11.13 -10.45 -3.79
N LYS A 964 -10.06 -10.50 -4.58
CA LYS A 964 -8.94 -9.62 -4.35
C LYS A 964 -9.31 -8.17 -4.65
N PHE A 965 -8.64 -7.26 -3.96
CA PHE A 965 -8.79 -5.83 -4.16
C PHE A 965 -7.71 -5.33 -5.11
N LYS A 966 -8.02 -4.23 -5.80
CA LYS A 966 -7.14 -3.62 -6.79
C LYS A 966 -6.57 -2.29 -6.34
N SER A 967 -7.38 -1.40 -5.79
CA SER A 967 -6.94 -0.04 -5.50
C SER A 967 -7.92 0.61 -4.54
N PHE A 968 -7.43 1.58 -3.77
CA PHE A 968 -8.33 2.42 -3.00
C PHE A 968 -9.23 3.23 -3.91
N LYS A 969 -8.77 3.54 -5.12
CA LYS A 969 -9.68 4.08 -6.13
C LYS A 969 -10.77 3.07 -6.47
N GLU A 970 -10.40 1.79 -6.59
CA GLU A 970 -11.41 0.75 -6.72
C GLU A 970 -12.25 0.61 -5.46
N LEU A 971 -11.70 0.93 -4.29
CA LEU A 971 -12.54 0.94 -3.09
C LEU A 971 -13.56 2.06 -3.18
N GLY A 972 -14.48 2.07 -2.23
CA GLY A 972 -15.73 2.79 -2.38
C GLY A 972 -16.80 2.00 -3.09
N LYS A 973 -16.46 0.84 -3.63
CA LYS A 973 -17.40 -0.14 -4.15
C LYS A 973 -17.45 -1.31 -3.18
N GLN A 974 -18.49 -2.12 -3.29
CA GLN A 974 -18.63 -3.25 -2.40
C GLN A 974 -17.57 -4.30 -2.71
N SER A 975 -16.57 -4.41 -1.83
CA SER A 975 -15.46 -5.33 -2.03
C SER A 975 -15.85 -6.74 -1.63
N GLY A 976 -16.83 -7.31 -2.31
CA GLY A 976 -17.29 -8.65 -2.05
C GLY A 976 -18.25 -8.75 -0.89
N VAL A 977 -17.73 -8.73 0.34
CA VAL A 977 -18.56 -8.78 1.55
C VAL A 977 -18.05 -7.73 2.54
N ILE A 978 -17.43 -6.65 2.05
CA ILE A 978 -17.00 -5.52 2.87
C ILE A 978 -17.63 -4.28 2.25
N TYR A 979 -18.84 -3.94 2.70
CA TYR A 979 -19.56 -2.80 2.18
C TYR A 979 -18.99 -1.52 2.79
N TYR A 980 -19.51 -0.37 2.33
CA TYR A 980 -19.08 0.92 2.84
C TYR A 980 -20.28 1.87 2.85
N VAL A 981 -20.32 2.71 3.87
CA VAL A 981 -21.33 3.78 3.98
C VAL A 981 -20.66 5.01 4.58
N PRO A 982 -21.15 6.23 4.31
CA PRO A 982 -20.48 7.41 4.86
C PRO A 982 -20.69 7.54 6.36
N ALA A 983 -19.79 8.29 7.00
CA ALA A 983 -19.83 8.55 8.44
C ALA A 983 -19.53 10.03 8.65
N TYR A 984 -20.57 10.84 8.76
CA TYR A 984 -20.39 12.28 8.89
C TYR A 984 -21.68 12.88 9.44
N LEU A 985 -21.55 13.76 10.45
CA LEU A 985 -22.66 14.29 11.25
C LEU A 985 -23.43 13.22 12.02
N THR A 986 -22.89 11.99 12.14
CA THR A 986 -23.59 10.94 12.89
C THR A 986 -22.63 10.03 13.66
N SER A 987 -21.32 10.28 13.62
CA SER A 987 -20.38 9.44 14.38
C SER A 987 -20.55 9.59 15.89
N LYS A 988 -21.03 10.74 16.36
CA LYS A 988 -21.19 11.05 17.78
C LYS A 988 -22.63 11.26 18.17
N ILE A 989 -23.44 11.86 17.30
CA ILE A 989 -24.72 12.46 17.68
C ILE A 989 -25.84 11.48 17.37
N ASP A 990 -26.67 11.18 18.35
CA ASP A 990 -27.88 10.43 18.10
C ASP A 990 -28.77 11.22 17.13
N PRO A 991 -29.53 10.56 16.25
CA PRO A 991 -30.32 11.33 15.28
C PRO A 991 -31.66 11.84 15.79
N THR A 992 -31.94 11.74 17.09
CA THR A 992 -33.28 12.09 17.58
C THR A 992 -33.59 13.56 17.35
N THR A 993 -32.63 14.44 17.59
CA THR A 993 -32.63 15.79 17.05
C THR A 993 -31.45 16.02 16.11
N GLY A 994 -30.27 15.59 16.51
CA GLY A 994 -29.11 15.65 15.65
C GLY A 994 -28.49 17.02 15.49
N PHE A 995 -29.05 18.07 16.10
CA PHE A 995 -28.53 19.43 15.95
C PHE A 995 -27.46 19.68 17.02
N ALA A 996 -26.43 18.85 16.99
CA ALA A 996 -25.24 19.15 17.79
C ALA A 996 -24.60 20.43 17.31
N ASN A 997 -24.33 20.51 16.01
CA ASN A 997 -24.18 21.80 15.36
C ASN A 997 -25.55 22.44 15.25
N LEU A 998 -25.67 23.67 15.73
CA LEU A 998 -26.97 24.31 15.81
C LEU A 998 -27.54 24.52 14.40
N PHE A 999 -28.86 24.38 14.31
CA PHE A 999 -29.56 24.51 13.03
C PHE A 999 -29.26 25.83 12.32
N TYR A 1000 -29.05 26.91 13.08
CA TYR A 1000 -28.33 28.09 12.60
C TYR A 1000 -26.92 28.09 13.15
N MET A 1001 -26.06 28.88 12.51
CA MET A 1001 -24.72 29.11 13.03
C MET A 1001 -24.80 30.11 14.18
N LYS A 1002 -23.64 30.43 14.77
CA LYS A 1002 -23.62 31.31 15.93
C LYS A 1002 -24.04 32.72 15.55
N CYS A 1003 -24.67 33.40 16.51
CA CYS A 1003 -25.20 34.76 16.32
C CYS A 1003 -24.24 35.77 16.94
N GLU A 1004 -23.96 36.84 16.20
CA GLU A 1004 -23.10 37.92 16.63
C GLU A 1004 -23.85 39.25 16.74
N ASN A 1005 -24.53 39.66 15.67
CA ASN A 1005 -25.28 40.92 15.71
C ASN A 1005 -26.54 40.76 16.55
N VAL A 1006 -26.90 41.85 17.23
CA VAL A 1006 -28.04 41.80 18.15
C VAL A 1006 -29.34 41.58 17.39
N GLU A 1007 -29.52 42.29 16.27
CA GLU A 1007 -30.77 42.15 15.53
C GLU A 1007 -30.85 40.80 14.84
N LYS A 1008 -29.72 40.31 14.31
CA LYS A 1008 -29.71 38.97 13.72
C LYS A 1008 -30.04 37.92 14.78
N SER A 1009 -29.52 38.11 15.99
CA SER A 1009 -29.88 37.21 17.08
C SER A 1009 -31.37 37.29 17.40
N LYS A 1010 -31.94 38.50 17.37
CA LYS A 1010 -33.37 38.65 17.61
C LYS A 1010 -34.18 37.91 16.55
N ARG A 1011 -33.81 38.08 15.29
CA ARG A 1011 -34.46 37.36 14.20
C ARG A 1011 -34.32 35.85 14.39
N PHE A 1012 -33.15 35.41 14.85
CA PHE A 1012 -32.93 33.99 15.10
C PHE A 1012 -33.87 33.46 16.16
N PHE A 1013 -34.05 34.23 17.23
CA PHE A 1013 -35.03 33.84 18.24
C PHE A 1013 -36.44 33.82 17.69
N ASP A 1014 -36.78 34.79 16.84
CA ASP A 1014 -38.16 35.01 16.41
C ASP A 1014 -38.76 33.79 15.71
N GLY A 1015 -37.92 32.91 15.18
CA GLY A 1015 -38.43 31.64 14.69
C GLY A 1015 -39.02 30.75 15.77
N PHE A 1016 -38.60 30.96 17.02
CA PHE A 1016 -39.08 30.10 18.11
C PHE A 1016 -40.56 30.33 18.37
N ASP A 1017 -41.26 29.23 18.66
CA ASP A 1017 -42.68 29.32 18.97
C ASP A 1017 -42.91 29.95 20.33
N PHE A 1018 -42.18 29.49 21.35
CA PHE A 1018 -42.37 30.03 22.69
C PHE A 1018 -41.20 29.61 23.58
N ILE A 1019 -40.67 30.56 24.34
CA ILE A 1019 -39.75 30.26 25.44
C ILE A 1019 -40.52 30.38 26.75
N ARG A 1020 -40.51 29.32 27.54
CA ARG A 1020 -41.36 29.20 28.73
C ARG A 1020 -40.54 28.68 29.89
N PHE A 1021 -41.17 28.58 31.05
CA PHE A 1021 -40.52 28.05 32.24
C PHE A 1021 -41.58 27.48 33.18
N ASN A 1022 -41.31 26.29 33.70
CA ASN A 1022 -42.10 25.67 34.75
C ASN A 1022 -41.19 25.39 35.94
N ALA A 1023 -41.61 25.84 37.12
CA ALA A 1023 -40.83 25.63 38.33
C ALA A 1023 -41.04 24.24 38.95
N LEU A 1024 -41.97 23.45 38.43
CA LEU A 1024 -42.15 22.08 38.93
C LEU A 1024 -40.89 21.26 38.71
N GLU A 1025 -40.52 21.05 37.45
CA GLU A 1025 -39.27 20.41 37.07
C GLU A 1025 -38.15 21.40 36.77
N ASN A 1026 -38.39 22.71 37.00
CA ASN A 1026 -37.45 23.78 36.73
C ASN A 1026 -37.14 23.95 35.24
N VAL A 1027 -37.87 23.29 34.35
CA VAL A 1027 -37.51 23.25 32.94
C VAL A 1027 -37.84 24.60 32.31
N PHE A 1028 -36.81 25.26 31.79
CA PHE A 1028 -36.98 26.43 30.93
C PHE A 1028 -37.09 25.98 29.47
N GLU A 1029 -38.19 25.28 29.18
CA GLU A 1029 -38.34 24.66 27.87
C GLU A 1029 -38.57 25.72 26.78
N PHE A 1030 -38.21 25.34 25.56
CA PHE A 1030 -38.30 26.18 24.37
C PHE A 1030 -39.20 25.50 23.35
N GLY A 1031 -39.30 26.10 22.17
CA GLY A 1031 -40.08 25.53 21.09
C GLY A 1031 -39.75 26.16 19.76
N PHE A 1032 -39.63 25.33 18.72
CA PHE A 1032 -39.33 25.83 17.39
C PHE A 1032 -39.85 24.85 16.36
N ASP A 1033 -39.93 25.32 15.10
CA ASP A 1033 -40.46 24.56 13.98
C ASP A 1033 -39.44 24.57 12.84
N TYR A 1034 -39.46 23.49 12.06
CA TYR A 1034 -38.39 23.25 11.09
C TYR A 1034 -38.34 24.28 9.99
N ARG A 1035 -39.50 24.75 9.53
CA ARG A 1035 -39.58 25.49 8.26
C ARG A 1035 -38.81 26.80 8.28
N SER A 1036 -38.57 27.39 9.45
CA SER A 1036 -37.98 28.72 9.56
C SER A 1036 -36.45 28.68 9.64
N PHE A 1037 -35.81 27.63 9.10
CA PHE A 1037 -34.37 27.46 9.19
C PHE A 1037 -33.77 27.30 7.80
N THR A 1038 -32.50 27.69 7.69
CA THR A 1038 -31.74 27.48 6.48
C THR A 1038 -31.56 25.98 6.22
N GLN A 1039 -31.46 25.61 4.95
CA GLN A 1039 -31.47 24.22 4.52
C GLN A 1039 -32.73 23.52 5.02
N ARG A 1040 -33.87 24.04 4.57
CA ARG A 1040 -35.18 23.56 4.98
C ARG A 1040 -35.64 22.31 4.23
N ALA A 1041 -34.71 21.58 3.59
CA ALA A 1041 -34.93 20.21 3.16
C ALA A 1041 -33.95 19.24 3.79
N CYS A 1042 -32.98 19.72 4.57
CA CYS A 1042 -32.02 18.83 5.22
C CYS A 1042 -32.71 17.91 6.21
N GLY A 1043 -33.30 18.48 7.26
CA GLY A 1043 -34.10 17.71 8.19
C GLY A 1043 -35.50 17.47 7.65
N ILE A 1044 -36.34 16.90 8.51
CA ILE A 1044 -37.70 16.49 8.13
C ILE A 1044 -38.74 17.18 9.00
N ASN A 1045 -38.70 16.89 10.31
CA ASN A 1045 -39.81 17.20 11.21
C ASN A 1045 -39.30 17.79 12.53
N SER A 1046 -38.44 18.82 12.44
CA SER A 1046 -37.95 19.50 13.64
C SER A 1046 -39.07 20.37 14.20
N LYS A 1047 -40.04 19.70 14.84
CA LYS A 1047 -41.09 20.34 15.62
C LYS A 1047 -41.01 19.98 17.10
N TRP A 1048 -40.16 19.02 17.47
CA TRP A 1048 -39.86 18.73 18.87
C TRP A 1048 -39.52 19.99 19.65
N THR A 1049 -39.91 20.00 20.92
CA THR A 1049 -39.63 21.08 21.85
C THR A 1049 -38.39 20.72 22.65
N VAL A 1050 -37.28 21.40 22.37
CA VAL A 1050 -36.06 21.17 23.14
C VAL A 1050 -36.31 21.60 24.58
N CYS A 1051 -36.12 20.68 25.51
CA CYS A 1051 -36.32 20.93 26.93
C CYS A 1051 -34.98 21.29 27.56
N THR A 1052 -34.95 21.33 28.89
CA THR A 1052 -33.68 21.55 29.59
C THR A 1052 -33.83 20.99 31.00
N ASN A 1053 -33.14 19.89 31.27
CA ASN A 1053 -33.23 19.21 32.55
C ASN A 1053 -31.96 18.40 32.78
N GLY A 1054 -31.76 17.98 34.02
CA GLY A 1054 -30.66 17.11 34.37
C GLY A 1054 -29.32 17.82 34.39
N GLU A 1055 -28.36 17.22 35.08
CA GLU A 1055 -27.03 17.79 35.17
C GLU A 1055 -26.29 17.62 33.85
N ARG A 1056 -25.28 18.45 33.65
CA ARG A 1056 -24.32 18.27 32.57
C ARG A 1056 -22.92 18.54 33.10
N ILE A 1057 -21.96 17.76 32.62
CA ILE A 1057 -20.57 17.82 33.05
C ILE A 1057 -19.75 18.48 31.97
N ILE A 1058 -20.38 19.42 31.25
CA ILE A 1058 -19.78 20.01 30.05
C ILE A 1058 -18.45 20.68 30.36
N LYS A 1059 -17.65 20.85 29.31
CA LYS A 1059 -16.31 21.41 29.41
C LYS A 1059 -16.42 22.93 29.34
N TYR A 1060 -16.46 23.58 30.50
CA TYR A 1060 -16.53 25.03 30.55
C TYR A 1060 -15.24 25.63 30.00
N ARG A 1061 -15.24 26.96 29.88
CA ARG A 1061 -14.02 27.75 29.73
C ARG A 1061 -14.07 28.87 30.77
N ASN A 1062 -13.34 28.67 31.86
CA ASN A 1062 -13.19 29.66 32.92
C ASN A 1062 -11.69 29.85 33.15
N PRO A 1063 -10.99 30.58 32.23
CA PRO A 1063 -9.52 30.53 32.24
C PRO A 1063 -8.84 31.42 33.29
N ASP A 1064 -9.57 31.82 34.34
CA ASP A 1064 -9.02 32.70 35.36
C ASP A 1064 -7.72 32.18 35.96
N LYS A 1065 -7.72 30.92 36.40
CA LYS A 1065 -6.52 30.28 36.95
C LYS A 1065 -5.88 29.39 35.90
N ASN A 1066 -5.29 30.07 34.90
CA ASN A 1066 -4.44 29.49 33.85
C ASN A 1066 -5.12 28.30 33.16
N ASN A 1067 -6.19 28.63 32.43
CA ASN A 1067 -7.00 27.70 31.65
C ASN A 1067 -7.86 26.79 32.52
N MET A 1068 -8.27 27.26 33.69
CA MET A 1068 -9.18 26.53 34.54
C MET A 1068 -10.54 26.41 33.85
N PHE A 1069 -11.40 25.54 34.38
CA PHE A 1069 -12.78 25.47 33.92
C PHE A 1069 -13.61 24.71 34.95
N ASP A 1070 -14.85 25.15 35.14
CA ASP A 1070 -15.75 24.46 36.04
C ASP A 1070 -16.17 23.14 35.42
N GLU A 1071 -16.02 22.06 36.17
CA GLU A 1071 -16.23 20.73 35.61
C GLU A 1071 -17.68 20.44 35.27
N LYS A 1072 -18.62 21.20 35.80
CA LYS A 1072 -20.03 20.95 35.53
C LYS A 1072 -20.85 22.18 35.86
N VAL A 1073 -22.01 22.26 35.25
CA VAL A 1073 -23.11 23.03 35.79
C VAL A 1073 -23.74 22.21 36.91
N VAL A 1074 -24.22 22.89 37.96
CA VAL A 1074 -24.86 22.18 39.07
C VAL A 1074 -26.11 21.46 38.57
N VAL A 1075 -26.96 22.18 37.83
CA VAL A 1075 -28.02 21.61 37.01
C VAL A 1075 -28.22 22.58 35.86
N VAL A 1076 -28.69 22.06 34.72
CA VAL A 1076 -28.85 22.90 33.55
C VAL A 1076 -29.87 23.99 33.79
N THR A 1077 -30.94 23.67 34.53
CA THR A 1077 -31.89 24.68 34.93
C THR A 1077 -31.30 25.53 36.04
N ASP A 1078 -31.96 26.66 36.31
CA ASP A 1078 -31.73 27.55 37.44
C ASP A 1078 -30.45 28.38 37.31
N GLU A 1079 -29.61 28.15 36.30
CA GLU A 1079 -28.45 28.98 36.08
C GLU A 1079 -28.80 30.32 35.46
N MET A 1080 -30.01 30.45 34.88
CA MET A 1080 -30.50 31.70 34.32
C MET A 1080 -31.58 32.37 35.15
N LYS A 1081 -31.93 31.84 36.32
CA LYS A 1081 -32.84 32.56 37.19
C LYS A 1081 -32.21 33.86 37.66
N ASN A 1082 -30.92 33.82 37.97
CA ASN A 1082 -30.21 35.06 38.29
C ASN A 1082 -30.17 36.00 37.09
N LEU A 1083 -30.03 35.44 35.88
CA LEU A 1083 -30.06 36.28 34.69
C LEU A 1083 -31.41 36.96 34.52
N PHE A 1084 -32.49 36.25 34.81
CA PHE A 1084 -33.82 36.86 34.79
C PHE A 1084 -33.94 37.91 35.89
N GLU A 1085 -33.39 37.63 37.06
CA GLU A 1085 -33.45 38.57 38.18
C GLU A 1085 -32.64 39.82 37.91
N GLN A 1086 -31.65 39.76 37.01
CA GLN A 1086 -30.96 40.98 36.59
C GLN A 1086 -31.94 41.98 35.99
N TYR A 1087 -32.94 41.50 35.27
CA TYR A 1087 -34.07 42.31 34.80
C TYR A 1087 -35.32 42.16 35.65
N LYS A 1088 -35.43 41.10 36.43
CA LYS A 1088 -36.60 40.85 37.29
C LYS A 1088 -37.87 40.76 36.44
N ILE A 1089 -37.81 39.89 35.43
CA ILE A 1089 -38.91 39.74 34.48
C ILE A 1089 -39.88 38.70 35.04
N PRO A 1090 -41.18 38.78 34.74
CA PRO A 1090 -42.11 37.82 35.33
C PRO A 1090 -42.07 36.49 34.60
N TYR A 1091 -41.11 35.66 34.98
CA TYR A 1091 -40.81 34.41 34.27
C TYR A 1091 -41.66 33.24 34.72
N GLU A 1092 -42.77 33.48 35.44
CA GLU A 1092 -43.62 32.43 35.99
C GLU A 1092 -45.09 32.65 35.61
N ASP A 1093 -45.33 33.26 34.45
CA ASP A 1093 -46.67 33.49 33.94
C ASP A 1093 -47.12 32.47 32.90
N GLY A 1094 -46.20 31.66 32.36
CA GLY A 1094 -46.52 30.84 31.21
C GLY A 1094 -46.60 31.59 29.91
N ARG A 1095 -46.14 32.85 29.87
CA ARG A 1095 -46.17 33.65 28.67
C ARG A 1095 -44.96 33.34 27.80
N ASN A 1096 -45.03 33.79 26.55
CA ASN A 1096 -43.89 33.80 25.65
C ASN A 1096 -43.00 34.97 26.06
N VAL A 1097 -42.15 34.73 27.06
CA VAL A 1097 -41.36 35.78 27.69
C VAL A 1097 -40.38 36.43 26.71
N LYS A 1098 -40.05 35.75 25.63
CA LYS A 1098 -39.45 36.28 24.41
C LYS A 1098 -39.88 37.69 24.02
N ASP A 1099 -41.18 37.99 24.17
CA ASP A 1099 -41.68 39.32 23.85
C ASP A 1099 -40.99 40.41 24.66
N MET A 1100 -40.58 40.10 25.90
CA MET A 1100 -39.78 41.04 26.66
C MET A 1100 -38.32 41.01 26.24
N ILE A 1101 -37.81 39.83 25.90
CA ILE A 1101 -36.38 39.69 25.59
C ILE A 1101 -36.04 40.47 24.33
N ILE A 1102 -36.96 40.51 23.37
CA ILE A 1102 -36.73 41.32 22.17
C ILE A 1102 -36.60 42.79 22.55
N SER A 1103 -37.32 43.22 23.58
CA SER A 1103 -37.21 44.59 24.08
C SER A 1103 -35.95 44.82 24.93
N ASN A 1104 -35.24 43.77 25.33
CA ASN A 1104 -34.04 43.88 26.13
C ASN A 1104 -32.82 43.76 25.24
N GLU A 1105 -31.81 44.58 25.49
CA GLU A 1105 -30.61 44.66 24.64
C GLU A 1105 -29.39 44.79 25.54
N GLU A 1106 -28.63 43.70 25.70
CA GLU A 1106 -27.36 43.72 26.39
C GLU A 1106 -26.47 42.63 25.80
N ALA A 1107 -25.22 43.00 25.51
CA ALA A 1107 -24.31 42.08 24.83
C ALA A 1107 -23.99 40.87 25.69
N GLU A 1108 -23.65 41.09 26.95
CA GLU A 1108 -23.29 39.98 27.83
C GLU A 1108 -24.50 39.09 28.10
N PHE A 1109 -25.69 39.68 28.19
CA PHE A 1109 -26.91 38.90 28.42
C PHE A 1109 -27.13 37.89 27.30
N TYR A 1110 -27.11 38.35 26.05
CA TYR A 1110 -27.31 37.45 24.94
C TYR A 1110 -26.12 36.52 24.75
N ARG A 1111 -24.92 36.96 25.13
CA ARG A 1111 -23.76 36.06 25.08
C ARG A 1111 -23.93 34.87 26.01
N ARG A 1112 -24.37 35.12 27.25
CA ARG A 1112 -24.60 34.03 28.18
C ARG A 1112 -25.82 33.20 27.80
N LEU A 1113 -26.84 33.86 27.22
CA LEU A 1113 -27.99 33.13 26.72
C LEU A 1113 -27.59 32.17 25.61
N TYR A 1114 -26.69 32.59 24.73
CA TYR A 1114 -26.12 31.73 23.71
C TYR A 1114 -25.42 30.52 24.33
N ARG A 1115 -24.62 30.76 25.37
CA ARG A 1115 -23.87 29.67 25.98
C ARG A 1115 -24.81 28.63 26.59
N LEU A 1116 -25.80 29.09 27.34
CA LEU A 1116 -26.72 28.11 27.94
C LEU A 1116 -27.59 27.45 26.88
N LEU A 1117 -27.91 28.17 25.80
CA LEU A 1117 -28.74 27.60 24.74
C LEU A 1117 -28.00 26.48 24.03
N GLN A 1118 -26.72 26.67 23.72
CA GLN A 1118 -25.97 25.61 23.07
C GLN A 1118 -25.63 24.49 24.06
N GLN A 1119 -25.46 24.82 25.33
CA GLN A 1119 -25.06 23.82 26.31
C GLN A 1119 -26.19 22.91 26.74
N THR A 1120 -27.43 23.41 26.83
CA THR A 1120 -28.52 22.53 27.20
C THR A 1120 -28.78 21.47 26.13
N LEU A 1121 -28.46 21.77 24.87
CA LEU A 1121 -28.55 20.81 23.79
C LEU A 1121 -27.30 19.98 23.62
N GLN A 1122 -26.21 20.27 24.35
CA GLN A 1122 -24.97 19.49 24.22
C GLN A 1122 -25.22 18.13 24.87
N MET A 1123 -25.89 17.27 24.11
CA MET A 1123 -26.45 16.04 24.66
C MET A 1123 -25.41 14.96 24.93
N ARG A 1124 -24.27 15.01 24.26
CA ARG A 1124 -23.13 14.19 24.63
C ARG A 1124 -22.37 14.86 25.77
N ASN A 1125 -22.04 14.08 26.79
CA ASN A 1125 -21.35 14.59 27.96
C ASN A 1125 -19.85 14.56 27.71
N SER A 1126 -19.18 15.67 28.03
CA SER A 1126 -17.72 15.69 28.03
C SER A 1126 -17.28 14.88 29.23
N THR A 1127 -17.02 13.60 29.00
CA THR A 1127 -16.71 12.69 30.10
C THR A 1127 -15.40 13.08 30.77
N SER A 1128 -15.40 13.06 32.09
CA SER A 1128 -14.22 13.45 32.85
C SER A 1128 -13.15 12.37 32.75
N ASP A 1129 -12.00 12.65 33.36
CA ASP A 1129 -11.00 11.62 33.59
C ASP A 1129 -11.54 10.68 34.67
N GLY A 1130 -11.48 9.38 34.42
CA GLY A 1130 -12.30 8.47 35.17
C GLY A 1130 -13.71 8.54 34.60
N THR A 1131 -13.83 8.08 33.35
CA THR A 1131 -14.92 8.47 32.47
C THR A 1131 -16.28 8.06 33.02
N ARG A 1132 -17.26 8.92 32.77
CA ARG A 1132 -18.67 8.66 33.05
C ARG A 1132 -19.45 8.92 31.78
N ASP A 1133 -20.48 8.11 31.56
CA ASP A 1133 -21.27 8.12 30.33
C ASP A 1133 -22.63 8.75 30.61
N TYR A 1134 -23.02 9.72 29.79
CA TYR A 1134 -24.34 10.35 29.89
C TYR A 1134 -24.74 10.80 28.49
N ILE A 1135 -25.50 9.94 27.81
CA ILE A 1135 -26.11 10.27 26.52
C ILE A 1135 -27.53 10.77 26.83
N ILE A 1136 -27.69 12.09 26.83
CA ILE A 1136 -28.87 12.74 27.41
C ILE A 1136 -29.48 13.70 26.39
N SER A 1137 -30.38 13.19 25.56
CA SER A 1137 -31.04 13.97 24.53
C SER A 1137 -32.15 14.80 25.16
N PRO A 1138 -32.16 16.15 25.05
CA PRO A 1138 -33.21 16.92 25.74
C PRO A 1138 -34.62 16.57 25.30
N VAL A 1139 -34.83 16.23 24.03
CA VAL A 1139 -36.13 15.74 23.62
C VAL A 1139 -36.37 14.40 24.27
N LYS A 1140 -37.60 14.18 24.73
CA LYS A 1140 -37.99 12.88 25.25
C LYS A 1140 -38.14 11.87 24.11
N ASN A 1141 -37.78 10.62 24.41
CA ASN A 1141 -38.11 9.49 23.54
C ASN A 1141 -39.42 8.84 23.96
N LYS A 1142 -40.45 9.67 24.14
CA LYS A 1142 -41.83 9.31 24.45
C LYS A 1142 -42.02 8.80 25.88
N ARG A 1143 -40.93 8.55 26.63
CA ARG A 1143 -41.01 7.99 27.97
C ARG A 1143 -39.99 8.61 28.93
N GLU A 1144 -39.51 9.83 28.64
CA GLU A 1144 -38.46 10.47 29.43
C GLU A 1144 -37.21 9.60 29.50
N ALA A 1145 -36.87 8.93 28.42
CA ALA A 1145 -35.74 8.01 28.44
C ALA A 1145 -34.42 8.75 28.29
N TYR A 1146 -34.37 9.70 27.35
CA TYR A 1146 -33.18 10.50 27.03
C TYR A 1146 -32.05 9.66 26.43
N PHE A 1147 -32.28 8.38 26.13
CA PHE A 1147 -31.23 7.41 25.80
C PHE A 1147 -30.11 7.48 26.85
N ASN A 1148 -30.51 7.57 28.11
CA ASN A 1148 -29.58 7.83 29.21
C ASN A 1148 -28.60 6.68 29.36
N SER A 1149 -27.35 6.91 28.97
CA SER A 1149 -26.34 5.87 28.92
C SER A 1149 -25.91 5.38 30.30
N GLU A 1150 -26.31 6.06 31.37
CA GLU A 1150 -26.08 5.52 32.71
C GLU A 1150 -26.82 4.21 32.95
N LEU A 1151 -27.93 3.99 32.23
CA LEU A 1151 -28.77 2.82 32.46
C LEU A 1151 -28.06 1.56 31.97
N SER A 1152 -28.72 0.41 32.12
CA SER A 1152 -28.12 -0.91 31.91
C SER A 1152 -28.70 -1.68 30.73
N ASP A 1153 -29.75 -1.18 30.09
CA ASP A 1153 -30.42 -1.94 29.04
C ASP A 1153 -29.50 -2.14 27.84
N GLY A 1154 -29.61 -3.31 27.21
CA GLY A 1154 -28.74 -3.64 26.10
C GLY A 1154 -28.99 -2.77 24.88
N SER A 1155 -30.26 -2.47 24.58
CA SER A 1155 -30.58 -1.66 23.40
C SER A 1155 -29.97 -0.28 23.49
N VAL A 1156 -29.90 0.28 24.69
CA VAL A 1156 -29.21 1.55 24.89
C VAL A 1156 -27.73 1.28 24.65
N PRO A 1157 -27.04 1.99 23.76
CA PRO A 1157 -25.58 1.83 23.71
C PRO A 1157 -24.95 2.25 25.02
N LYS A 1158 -23.98 1.44 25.47
CA LYS A 1158 -23.37 1.68 26.77
C LYS A 1158 -22.57 2.97 26.79
N ASP A 1159 -21.93 3.31 25.68
CA ASP A 1159 -21.05 4.48 25.56
C ASP A 1159 -21.41 5.26 24.31
N ALA A 1160 -20.82 6.44 24.17
CA ALA A 1160 -21.10 7.29 23.02
C ALA A 1160 -20.61 6.66 21.73
N ASP A 1161 -19.34 6.23 21.71
CA ASP A 1161 -18.80 5.56 20.53
C ASP A 1161 -19.53 4.26 20.25
N ALA A 1162 -20.08 3.60 21.27
CA ALA A 1162 -20.95 2.46 21.03
C ALA A 1162 -22.20 2.89 20.27
N ASN A 1163 -22.75 4.06 20.61
CA ASN A 1163 -23.89 4.58 19.85
C ASN A 1163 -23.48 4.90 18.42
N GLY A 1164 -22.26 5.40 18.22
CA GLY A 1164 -21.78 5.63 16.86
C GLY A 1164 -21.68 4.34 16.07
N ALA A 1165 -21.17 3.28 16.71
CA ALA A 1165 -21.15 1.98 16.06
C ALA A 1165 -22.56 1.51 15.72
N TYR A 1166 -23.50 1.75 16.62
CA TYR A 1166 -24.90 1.42 16.35
C TYR A 1166 -25.41 2.19 15.13
N ASN A 1167 -25.01 3.46 15.00
CA ASN A 1167 -25.42 4.25 13.84
C ASN A 1167 -24.84 3.67 12.55
N ILE A 1168 -23.56 3.29 12.58
CA ILE A 1168 -22.95 2.68 11.39
C ILE A 1168 -23.66 1.40 11.04
N ALA A 1169 -24.09 0.64 12.05
CA ALA A 1169 -24.86 -0.57 11.78
C ALA A 1169 -26.20 -0.24 11.13
N ARG A 1170 -26.84 0.84 11.57
CA ARG A 1170 -28.12 1.22 10.99
C ARG A 1170 -27.96 1.75 9.56
N LYS A 1171 -26.79 2.30 9.23
CA LYS A 1171 -26.48 2.59 7.83
C LYS A 1171 -26.21 1.30 7.06
N GLY A 1172 -25.59 0.33 7.73
CA GLY A 1172 -25.27 -0.92 7.07
C GLY A 1172 -26.50 -1.67 6.63
N LEU A 1173 -27.52 -1.74 7.50
CA LEU A 1173 -28.73 -2.45 7.11
C LEU A 1173 -29.42 -1.73 5.96
N TRP A 1174 -29.36 -0.40 5.92
CA TRP A 1174 -29.94 0.32 4.79
C TRP A 1174 -29.23 -0.02 3.48
N VAL A 1175 -27.89 -0.02 3.49
CA VAL A 1175 -27.21 -0.30 2.23
C VAL A 1175 -27.44 -1.75 1.80
N LEU A 1176 -27.57 -2.66 2.76
CA LEU A 1176 -28.00 -4.01 2.40
C LEU A 1176 -29.38 -4.05 1.79
N GLU A 1177 -30.33 -3.27 2.30
CA GLU A 1177 -31.63 -3.15 1.65
C GLU A 1177 -31.53 -2.55 0.26
N GLN A 1178 -30.63 -1.57 0.09
CA GLN A 1178 -30.41 -0.97 -1.23
C GLN A 1178 -29.93 -2.02 -2.23
N ILE A 1179 -29.01 -2.87 -1.79
CA ILE A 1179 -28.51 -3.94 -2.66
C ILE A 1179 -29.64 -4.90 -3.00
N ARG A 1180 -30.44 -5.26 -2.00
CA ARG A 1180 -31.53 -6.21 -2.22
C ARG A 1180 -32.61 -5.62 -3.13
N GLN A 1181 -32.73 -4.30 -3.18
CA GLN A 1181 -33.71 -3.68 -4.07
C GLN A 1181 -33.40 -3.96 -5.53
N LYS A 1182 -32.12 -4.08 -5.87
CA LYS A 1182 -31.75 -4.42 -7.24
C LYS A 1182 -32.18 -5.85 -7.56
N SER A 1183 -32.22 -6.15 -8.87
CA SER A 1183 -32.62 -7.46 -9.35
C SER A 1183 -31.78 -7.95 -10.53
N GLU A 1184 -30.59 -7.41 -10.75
CA GLU A 1184 -29.74 -7.78 -11.87
C GLU A 1184 -28.29 -7.80 -11.38
N GLY A 1185 -27.37 -8.06 -12.31
CA GLY A 1185 -25.96 -7.94 -11.99
C GLY A 1185 -25.54 -6.50 -11.77
N GLU A 1186 -26.25 -5.55 -12.38
CA GLU A 1186 -25.98 -4.14 -12.15
C GLU A 1186 -26.38 -3.75 -10.74
N LYS A 1187 -25.56 -2.90 -10.11
CA LYS A 1187 -25.75 -2.44 -8.75
C LYS A 1187 -25.69 -0.92 -8.71
N ILE A 1188 -26.59 -0.31 -7.93
CA ILE A 1188 -26.60 1.13 -7.76
C ILE A 1188 -25.41 1.52 -6.91
N ASN A 1189 -25.08 2.81 -6.87
CA ASN A 1189 -23.95 3.28 -6.08
C ASN A 1189 -24.20 3.05 -4.59
N LEU A 1190 -23.11 2.86 -3.86
CA LEU A 1190 -23.15 2.62 -2.42
C LEU A 1190 -23.38 3.89 -1.62
N ALA A 1191 -23.39 5.06 -2.24
CA ALA A 1191 -23.34 6.32 -1.52
C ALA A 1191 -24.67 6.62 -0.83
N MET A 1192 -24.63 7.61 0.05
CA MET A 1192 -25.80 8.21 0.69
C MET A 1192 -25.73 9.72 0.60
N THR A 1193 -26.91 10.33 0.56
CA THR A 1193 -27.08 11.77 0.68
C THR A 1193 -27.41 12.10 2.13
N ASN A 1194 -26.94 13.26 2.59
CA ASN A 1194 -27.16 13.64 3.98
C ASN A 1194 -28.63 13.78 4.28
N ALA A 1195 -29.40 14.33 3.33
CA ALA A 1195 -30.84 14.45 3.53
C ALA A 1195 -31.49 13.09 3.67
N GLU A 1196 -31.14 12.15 2.80
CA GLU A 1196 -31.75 10.82 2.88
C GLU A 1196 -31.33 10.09 4.15
N TRP A 1197 -30.08 10.25 4.56
CA TRP A 1197 -29.64 9.60 5.79
C TRP A 1197 -30.38 10.16 6.99
N LEU A 1198 -30.51 11.49 7.06
CA LEU A 1198 -31.26 12.08 8.16
C LEU A 1198 -32.72 11.66 8.13
N GLU A 1199 -33.28 11.50 6.93
CA GLU A 1199 -34.65 11.01 6.80
C GLU A 1199 -34.79 9.61 7.40
N TYR A 1200 -33.92 8.69 6.99
CA TYR A 1200 -34.02 7.34 7.53
C TYR A 1200 -33.72 7.31 9.03
N ALA A 1201 -32.74 8.11 9.46
CA ALA A 1201 -32.39 8.12 10.87
C ALA A 1201 -33.54 8.64 11.73
N GLN A 1202 -34.27 9.63 11.22
CA GLN A 1202 -35.51 10.04 11.89
C GLN A 1202 -36.52 8.91 11.89
N THR A 1203 -36.69 8.26 10.74
CA THR A 1203 -37.63 7.13 10.61
C THR A 1203 -36.96 5.79 10.88
N HIS A 1204 -36.22 5.70 11.98
CA HIS A 1204 -35.59 4.46 12.41
C HIS A 1204 -36.49 3.64 13.36
N LEU A 1205 -37.73 4.07 13.58
CA LEU A 1205 -38.66 3.41 14.49
C LEU A 1205 -39.91 2.98 13.74
#